data_5LB9
#
_entry.id   5LB9
#
_cell.length_a   67.416
_cell.length_b   101.861
_cell.length_c   81.593
_cell.angle_alpha   90.00
_cell.angle_beta   101.01
_cell.angle_gamma   90.00
#
_symmetry.space_group_name_H-M   'P 1 21 1'
#
loop_
_entity.id
_entity.type
_entity.pdbx_description
1 polymer 'Enoyl-[acyl-carrier-protein] reductase [NADPH, B-specific] 1, mitochondrial'
2 non-polymer GLYCEROL
3 non-polymer 'SULFATE ION'
4 non-polymer 'NADP NICOTINAMIDE-ADENINE-DINUCLEOTIDE PHOSPHATE'
5 non-polymer 'SODIUM ION'
6 water water
#
_entity_poly.entity_id   1
_entity_poly.type   'polypeptide(L)'
_entity_poly.pdbx_seq_one_letter_code
;MGHHHHHHHHHHSSGHIEGRHMITAQAVLYTQHGEPKDVLFTQSFEIDDDNLAPNEVIVKTLGSPVNPSDINQIQGVYPS
KPAKTTGFGTTEPAAPCGNEGLFEVIKVGSNVSSLEAGDWVIPSHVNFGTWRTHALGNDDDFIKLPNPAQSKANGKPNGL
TINQGATISVNPLVAYLMLTHYVKLTPGKDWFIQNGGTSAVGKYASQIGKLLNFNSISVIRDRPNLDEVVASLKELGATQ
VITEDQNNSREFGPTIKEWIKQSGGEAKLALNCVGGKSSTGIARKLNNNGLMLTYGGMSFQPVTIPTSLYIFKNFTSAGF
WVTELLKNNKELKTSTLNQIIAWYEEGKLTDAKSIETLYDGTKPLHELYQDGVANSKDGKQLITY
;
_entity_poly.pdbx_strand_id   A,B
#
loop_
_chem_comp.id
_chem_comp.type
_chem_comp.name
_chem_comp.formula
GOL non-polymer GLYCEROL 'C3 H8 O3'
NA non-polymer 'SODIUM ION' 'Na 1'
NAP non-polymer 'NADP NICOTINAMIDE-ADENINE-DINUCLEOTIDE PHOSPHATE' 'C21 H28 N7 O17 P3'
SO4 non-polymer 'SULFATE ION' 'O4 S -2'
#
# COMPACT_ATOMS: atom_id res chain seq x y z
N HIS A 21 42.19 -39.15 -8.89
CA HIS A 21 40.75 -38.89 -8.97
C HIS A 21 40.38 -37.67 -8.13
N MET A 22 41.14 -36.59 -8.29
CA MET A 22 40.92 -35.36 -7.55
C MET A 22 40.65 -34.22 -8.53
N ILE A 23 39.56 -33.51 -8.33
CA ILE A 23 39.17 -32.38 -9.18
C ILE A 23 39.66 -31.09 -8.52
N THR A 24 40.33 -30.24 -9.31
CA THR A 24 40.79 -28.93 -8.84
C THR A 24 39.81 -27.86 -9.31
N ALA A 25 39.27 -27.10 -8.36
CA ALA A 25 38.23 -26.12 -8.59
C ALA A 25 38.69 -24.75 -8.10
N GLN A 26 37.97 -23.72 -8.55
CA GLN A 26 38.27 -22.33 -8.19
C GLN A 26 36.99 -21.69 -7.64
N ALA A 27 37.13 -20.85 -6.61
CA ALA A 27 35.97 -20.16 -6.05
C ALA A 27 36.30 -18.72 -5.71
N VAL A 28 35.33 -17.82 -5.97
CA VAL A 28 35.45 -16.41 -5.61
C VAL A 28 34.91 -16.22 -4.19
N LEU A 29 35.76 -15.72 -3.28
CA LEU A 29 35.43 -15.58 -1.88
C LEU A 29 35.77 -14.19 -1.35
N TYR A 30 35.35 -13.94 -0.12
CA TYR A 30 35.76 -12.76 0.64
C TYR A 30 35.85 -13.13 2.11
N THR A 31 36.77 -12.47 2.80
CA THR A 31 36.93 -12.61 4.25
C THR A 31 36.23 -11.51 5.03
N GLN A 32 35.93 -10.39 4.37
CA GLN A 32 35.34 -9.23 5.02
C GLN A 32 34.40 -8.56 4.03
N HIS A 33 33.33 -7.95 4.54
CA HIS A 33 32.38 -7.26 3.68
C HIS A 33 33.01 -5.96 3.16
N GLY A 34 32.53 -5.52 2.02
CA GLY A 34 33.05 -4.31 1.40
C GLY A 34 32.72 -4.32 -0.08
N GLU A 35 33.35 -3.39 -0.80
CA GLU A 35 33.10 -3.30 -2.23
C GLU A 35 33.82 -4.44 -2.96
N PRO A 36 33.15 -5.09 -3.93
CA PRO A 36 33.77 -6.24 -4.60
C PRO A 36 35.19 -5.99 -5.09
N LYS A 37 35.47 -4.80 -5.64
CA LYS A 37 36.82 -4.49 -6.09
C LYS A 37 37.87 -4.65 -4.99
N ASP A 38 37.47 -4.50 -3.72
CA ASP A 38 38.41 -4.46 -2.60
C ASP A 38 38.55 -5.79 -1.87
N VAL A 39 37.51 -6.61 -1.82
CA VAL A 39 37.48 -7.76 -0.91
C VAL A 39 37.50 -9.11 -1.62
N LEU A 40 37.24 -9.16 -2.93
CA LEU A 40 37.14 -10.46 -3.61
C LEU A 40 38.53 -11.01 -3.95
N PHE A 41 38.64 -12.34 -3.91
CA PHE A 41 39.84 -13.04 -4.37
C PHE A 41 39.44 -14.45 -4.80
N THR A 42 40.38 -15.15 -5.46
CA THR A 42 40.12 -16.51 -5.94
C THR A 42 40.91 -17.51 -5.11
N GLN A 43 40.22 -18.60 -4.72
CA GLN A 43 40.79 -19.68 -3.91
C GLN A 43 40.66 -21.00 -4.66
N SER A 44 41.74 -21.77 -4.69
CA SER A 44 41.71 -23.12 -5.25
C SER A 44 41.34 -24.13 -4.16
N PHE A 45 40.56 -25.14 -4.55
CA PHE A 45 40.15 -26.19 -3.62
C PHE A 45 39.92 -27.48 -4.39
N GLU A 46 39.86 -28.59 -3.66
CA GLU A 46 39.84 -29.93 -4.24
C GLU A 46 38.55 -30.65 -3.90
N ILE A 47 38.06 -31.45 -4.85
CA ILE A 47 36.87 -32.29 -4.68
C ILE A 47 37.25 -33.71 -5.05
N ASP A 48 36.91 -34.67 -4.19
CA ASP A 48 37.27 -36.06 -4.38
C ASP A 48 36.08 -36.81 -4.98
N ASP A 49 36.18 -37.14 -6.26
CA ASP A 49 35.07 -37.78 -6.96
C ASP A 49 35.03 -39.30 -6.80
N ASP A 50 35.99 -39.88 -6.08
CA ASP A 50 36.02 -41.32 -5.87
C ASP A 50 35.36 -41.75 -4.56
N ASN A 51 34.85 -40.80 -3.76
CA ASN A 51 34.32 -41.11 -2.43
C ASN A 51 33.10 -40.22 -2.14
N LEU A 52 32.01 -40.49 -2.86
CA LEU A 52 30.76 -39.76 -2.68
C LEU A 52 29.84 -40.52 -1.73
N ALA A 53 29.24 -39.79 -0.78
CA ALA A 53 28.19 -40.37 0.03
C ALA A 53 27.01 -40.76 -0.85
N PRO A 54 26.14 -41.66 -0.38
CA PRO A 54 25.09 -42.20 -1.26
C PRO A 54 24.21 -41.15 -1.94
N ASN A 55 23.96 -40.01 -1.31
CA ASN A 55 23.04 -39.01 -1.85
C ASN A 55 23.75 -37.79 -2.42
N GLU A 56 25.08 -37.80 -2.49
CA GLU A 56 25.84 -36.67 -2.96
C GLU A 56 25.96 -36.67 -4.49
N VAL A 57 26.14 -35.47 -5.05
CA VAL A 57 26.37 -35.28 -6.47
C VAL A 57 27.44 -34.20 -6.64
N ILE A 58 28.16 -34.28 -7.76
CA ILE A 58 29.17 -33.29 -8.14
C ILE A 58 28.71 -32.63 -9.42
N VAL A 59 28.80 -31.30 -9.46
CA VAL A 59 28.38 -30.51 -10.62
C VAL A 59 29.53 -29.63 -11.08
N LYS A 60 29.52 -29.31 -12.37
CA LYS A 60 30.41 -28.30 -12.95
C LYS A 60 29.57 -27.12 -13.42
N THR A 61 30.07 -25.92 -13.20
CA THR A 61 29.36 -24.71 -13.56
C THR A 61 29.45 -24.47 -15.06
N LEU A 62 28.33 -24.11 -15.68
CA LEU A 62 28.29 -23.71 -17.08
C LEU A 62 28.22 -22.20 -17.23
N GLY A 63 27.47 -21.52 -16.35
CA GLY A 63 27.44 -20.07 -16.35
C GLY A 63 26.71 -19.47 -15.16
N SER A 64 27.11 -18.27 -14.72
CA SER A 64 26.39 -17.60 -13.64
C SER A 64 26.44 -16.09 -13.80
N PRO A 65 25.33 -15.39 -13.58
CA PRO A 65 25.28 -13.94 -13.82
C PRO A 65 25.70 -13.15 -12.58
N VAL A 66 25.87 -11.84 -12.80
CA VAL A 66 26.07 -10.87 -11.73
C VAL A 66 24.76 -10.13 -11.53
N ASN A 67 24.08 -10.43 -10.45
CA ASN A 67 22.85 -9.74 -10.11
C ASN A 67 23.08 -8.74 -8.98
N PRO A 68 22.23 -7.70 -8.90
CA PRO A 68 22.39 -6.70 -7.83
C PRO A 68 22.37 -7.29 -6.43
N SER A 69 21.52 -8.28 -6.16
CA SER A 69 21.49 -8.89 -4.85
C SER A 69 22.82 -9.55 -4.51
N ASP A 70 23.53 -10.10 -5.50
CA ASP A 70 24.83 -10.69 -5.22
C ASP A 70 25.79 -9.63 -4.69
N ILE A 71 25.76 -8.44 -5.29
CA ILE A 71 26.66 -7.36 -4.88
C ILE A 71 26.31 -6.88 -3.48
N ASN A 72 25.02 -6.74 -3.16
CA ASN A 72 24.64 -6.28 -1.83
C ASN A 72 25.04 -7.27 -0.75
N GLN A 73 25.04 -8.57 -1.06
CA GLN A 73 25.55 -9.56 -0.12
C GLN A 73 27.01 -9.30 0.21
N ILE A 74 27.82 -9.08 -0.83
CA ILE A 74 29.25 -8.83 -0.62
C ILE A 74 29.45 -7.56 0.21
N GLN A 75 28.64 -6.54 -0.06
CA GLN A 75 28.73 -5.27 0.67
C GLN A 75 28.29 -5.41 2.12
N GLY A 76 27.52 -6.44 2.46
CA GLY A 76 27.01 -6.61 3.81
C GLY A 76 25.70 -5.90 4.09
N VAL A 77 24.98 -5.46 3.07
CA VAL A 77 23.74 -4.69 3.22
C VAL A 77 22.52 -5.44 2.68
N TYR A 78 22.59 -6.76 2.60
CA TYR A 78 21.47 -7.59 2.17
C TYR A 78 21.07 -8.52 3.31
N PRO A 79 19.78 -8.67 3.60
CA PRO A 79 19.38 -9.37 4.84
C PRO A 79 19.56 -10.88 4.81
N SER A 80 19.85 -11.48 3.66
CA SER A 80 20.13 -12.91 3.55
C SER A 80 21.53 -13.10 2.98
N LYS A 81 22.37 -13.89 3.66
CA LYS A 81 23.77 -14.00 3.30
C LYS A 81 24.36 -15.35 3.69
N PRO A 82 25.27 -15.90 2.88
CA PRO A 82 25.88 -17.19 3.24
C PRO A 82 26.87 -17.05 4.39
N ALA A 83 27.01 -18.14 5.15
CA ALA A 83 27.93 -18.19 6.27
C ALA A 83 29.38 -18.24 5.80
N LYS A 84 30.25 -17.62 6.59
CA LYS A 84 31.69 -17.75 6.38
C LYS A 84 32.16 -19.08 6.96
N THR A 85 32.90 -19.84 6.14
CA THR A 85 33.36 -21.17 6.50
C THR A 85 34.82 -21.32 6.11
N THR A 86 35.45 -22.36 6.66
CA THR A 86 36.79 -22.74 6.25
C THR A 86 36.79 -23.87 5.24
N GLY A 87 35.62 -24.18 4.66
CA GLY A 87 35.45 -25.36 3.84
C GLY A 87 36.13 -25.32 2.50
N PHE A 88 36.47 -24.13 2.00
CA PHE A 88 37.22 -24.01 0.76
C PHE A 88 38.74 -24.03 1.01
N GLY A 89 39.17 -24.36 2.23
CA GLY A 89 40.59 -24.46 2.50
C GLY A 89 41.29 -23.14 2.72
N THR A 90 40.58 -22.13 3.22
CA THR A 90 41.16 -20.81 3.40
C THR A 90 41.86 -20.69 4.75
N THR A 91 42.75 -19.70 4.83
CA THR A 91 43.44 -19.41 6.09
C THR A 91 42.50 -18.81 7.13
N GLU A 92 41.52 -18.04 6.69
CA GLU A 92 40.53 -17.39 7.53
C GLU A 92 39.15 -17.84 7.08
N PRO A 93 38.12 -17.71 7.92
CA PRO A 93 36.76 -17.95 7.43
C PRO A 93 36.43 -17.02 6.26
N ALA A 94 35.81 -17.60 5.23
CA ALA A 94 35.48 -16.87 4.01
C ALA A 94 34.13 -17.32 3.48
N ALA A 95 33.42 -16.40 2.80
CA ALA A 95 32.09 -16.66 2.23
C ALA A 95 32.13 -16.72 0.71
N PRO A 96 31.29 -17.54 0.08
CA PRO A 96 31.17 -17.55 -1.39
C PRO A 96 30.22 -16.46 -1.87
N CYS A 97 30.09 -16.36 -3.19
CA CYS A 97 29.34 -15.30 -3.86
C CYS A 97 28.41 -15.89 -4.91
N GLY A 98 27.27 -15.23 -5.11
CA GLY A 98 26.34 -15.61 -6.16
C GLY A 98 25.22 -16.52 -5.72
N ASN A 99 24.00 -16.26 -6.21
CA ASN A 99 22.85 -17.08 -5.87
C ASN A 99 22.23 -17.78 -7.08
N GLU A 100 22.48 -17.30 -8.29
CA GLU A 100 21.91 -17.86 -9.52
C GLU A 100 23.00 -18.49 -10.38
N GLY A 101 22.64 -19.55 -11.10
CA GLY A 101 23.58 -20.24 -11.97
C GLY A 101 23.08 -21.54 -12.58
N LEU A 102 23.76 -21.97 -13.65
CA LEU A 102 23.45 -23.20 -14.35
C LEU A 102 24.62 -24.17 -14.19
N PHE A 103 24.31 -25.40 -13.80
CA PHE A 103 25.31 -26.41 -13.54
C PHE A 103 25.00 -27.68 -14.32
N GLU A 104 26.04 -28.48 -14.56
CA GLU A 104 25.88 -29.80 -15.18
C GLU A 104 26.40 -30.88 -14.25
N VAL A 105 25.59 -31.93 -14.07
CA VAL A 105 25.97 -33.06 -13.21
C VAL A 105 27.09 -33.87 -13.84
N ILE A 106 28.13 -34.13 -13.06
CA ILE A 106 29.29 -34.91 -13.48
C ILE A 106 29.26 -36.32 -12.92
N LYS A 107 28.84 -36.48 -11.67
CA LYS A 107 28.86 -37.78 -11.00
C LYS A 107 27.89 -37.75 -9.83
N VAL A 108 27.25 -38.90 -9.56
CA VAL A 108 26.26 -39.02 -8.50
C VAL A 108 26.63 -40.22 -7.64
N GLY A 109 26.13 -40.20 -6.40
CA GLY A 109 26.33 -41.29 -5.47
C GLY A 109 25.35 -42.43 -5.69
N SER A 110 25.55 -43.51 -4.92
CA SER A 110 24.91 -44.79 -5.18
C SER A 110 23.40 -44.77 -4.98
N ASN A 111 22.87 -43.84 -4.19
CA ASN A 111 21.45 -43.78 -3.92
C ASN A 111 20.74 -42.67 -4.69
N VAL A 112 21.43 -42.00 -5.61
CA VAL A 112 20.84 -40.91 -6.37
C VAL A 112 20.11 -41.50 -7.58
N SER A 113 18.80 -41.24 -7.66
CA SER A 113 18.01 -41.66 -8.80
C SER A 113 17.38 -40.49 -9.56
N SER A 114 17.29 -39.31 -8.96
CA SER A 114 16.65 -38.18 -9.60
C SER A 114 17.54 -37.44 -10.60
N LEU A 115 18.86 -37.65 -10.54
CA LEU A 115 19.82 -36.99 -11.41
C LEU A 115 20.79 -38.01 -11.99
N GLU A 116 21.31 -37.71 -13.19
CA GLU A 116 22.37 -38.50 -13.81
C GLU A 116 23.37 -37.58 -14.49
N ALA A 117 24.56 -38.13 -14.74
CA ALA A 117 25.62 -37.38 -15.42
C ALA A 117 25.09 -36.76 -16.70
N GLY A 118 25.37 -35.47 -16.89
CA GLY A 118 24.93 -34.73 -18.05
C GLY A 118 23.65 -33.93 -17.85
N ASP A 119 22.86 -34.21 -16.82
CA ASP A 119 21.67 -33.41 -16.55
C ASP A 119 22.06 -31.97 -16.21
N TRP A 120 21.22 -31.04 -16.66
CA TRP A 120 21.33 -29.63 -16.29
C TRP A 120 20.55 -29.35 -15.01
N VAL A 121 21.14 -28.55 -14.10
CA VAL A 121 20.50 -28.21 -12.82
C VAL A 121 20.76 -26.77 -12.42
N ILE A 122 19.87 -26.26 -11.57
CA ILE A 122 20.03 -24.98 -10.87
C ILE A 122 19.96 -25.27 -9.37
N PRO A 123 20.44 -24.35 -8.53
CA PRO A 123 20.30 -24.54 -7.08
C PRO A 123 18.83 -24.45 -6.68
N SER A 124 18.44 -25.29 -5.70
CA SER A 124 17.08 -25.25 -5.20
C SER A 124 16.85 -24.20 -4.12
N HIS A 125 17.94 -23.68 -3.50
CA HIS A 125 17.85 -22.72 -2.41
C HIS A 125 18.81 -21.56 -2.64
N VAL A 126 18.59 -20.45 -1.91
CA VAL A 126 19.45 -19.28 -2.03
C VAL A 126 20.76 -19.53 -1.32
N ASN A 127 21.71 -18.60 -1.47
CA ASN A 127 23.00 -18.65 -0.75
C ASN A 127 23.85 -19.86 -1.16
N PHE A 128 23.69 -20.36 -2.38
CA PHE A 128 24.46 -21.54 -2.77
C PHE A 128 25.92 -21.19 -3.06
N GLY A 129 26.16 -20.01 -3.62
CA GLY A 129 27.50 -19.65 -4.06
C GLY A 129 27.73 -20.18 -5.47
N THR A 130 27.44 -19.36 -6.48
CA THR A 130 27.49 -19.81 -7.85
C THR A 130 28.67 -19.23 -8.62
N TRP A 131 29.48 -18.35 -8.01
CA TRP A 131 30.66 -17.79 -8.67
C TRP A 131 31.86 -18.70 -8.37
N ARG A 132 31.90 -19.84 -9.05
CA ARG A 132 32.93 -20.85 -8.87
C ARG A 132 32.78 -21.92 -9.97
N THR A 133 33.80 -22.80 -10.09
CA THR A 133 33.86 -23.77 -11.19
C THR A 133 33.12 -25.08 -10.93
N HIS A 134 33.09 -25.53 -9.67
CA HIS A 134 32.53 -26.84 -9.31
C HIS A 134 31.86 -26.74 -7.95
N ALA A 135 30.99 -27.71 -7.66
CA ALA A 135 30.35 -27.77 -6.35
C ALA A 135 29.98 -29.21 -6.03
N LEU A 136 29.95 -29.49 -4.73
CA LEU A 136 29.49 -30.76 -4.20
C LEU A 136 28.27 -30.50 -3.33
N GLY A 137 27.20 -31.27 -3.53
CA GLY A 137 25.98 -31.09 -2.76
C GLY A 137 25.20 -32.39 -2.68
N ASN A 138 24.03 -32.31 -2.04
CA ASN A 138 23.06 -33.39 -2.05
C ASN A 138 22.11 -33.22 -3.23
N ASP A 139 21.49 -34.34 -3.63
CA ASP A 139 20.64 -34.28 -4.82
C ASP A 139 19.48 -33.31 -4.65
N ASP A 140 19.00 -33.09 -3.43
CA ASP A 140 17.89 -32.16 -3.21
C ASP A 140 18.35 -30.71 -3.04
N ASP A 141 19.64 -30.43 -3.22
CA ASP A 141 20.11 -29.05 -3.35
C ASP A 141 19.91 -28.50 -4.76
N PHE A 142 19.31 -29.28 -5.67
CA PHE A 142 19.25 -28.93 -7.09
C PHE A 142 17.86 -29.19 -7.68
N ILE A 143 17.52 -28.41 -8.71
CA ILE A 143 16.32 -28.60 -9.50
C ILE A 143 16.74 -28.90 -10.94
N LYS A 144 16.21 -29.98 -11.52
CA LYS A 144 16.57 -30.37 -12.87
C LYS A 144 15.89 -29.51 -13.94
N LEU A 145 16.66 -29.10 -14.95
CA LEU A 145 16.21 -28.52 -16.21
C LEU A 145 16.56 -29.46 -17.37
N PRO A 146 15.73 -29.50 -18.43
CA PRO A 146 16.13 -30.28 -19.61
C PRO A 146 17.29 -29.61 -20.33
N ASN A 147 18.28 -30.41 -20.72
CA ASN A 147 19.36 -29.86 -21.53
C ASN A 147 18.99 -29.93 -23.01
N PRO A 148 19.74 -29.25 -23.87
CA PRO A 148 19.34 -29.16 -25.27
C PRO A 148 19.23 -30.51 -25.96
N ALA A 149 20.11 -31.46 -25.68
CA ALA A 149 20.01 -32.77 -26.32
C ALA A 149 18.69 -33.45 -25.95
N GLN A 150 18.25 -33.30 -24.69
CA GLN A 150 16.99 -33.90 -24.28
C GLN A 150 15.80 -33.22 -24.93
N SER A 151 15.79 -31.89 -24.97
CA SER A 151 14.68 -31.18 -25.61
C SER A 151 14.57 -31.55 -27.10
N LYS A 152 15.71 -31.69 -27.78
CA LYS A 152 15.69 -32.00 -29.21
C LYS A 152 15.25 -33.43 -29.48
N ALA A 153 15.69 -34.38 -28.65
CA ALA A 153 15.35 -35.77 -28.90
C ALA A 153 13.86 -36.03 -28.72
N ASN A 154 13.20 -35.26 -27.87
CA ASN A 154 11.76 -35.33 -27.61
C ASN A 154 10.92 -34.44 -28.53
N GLY A 155 11.48 -34.01 -29.65
CA GLY A 155 10.71 -33.28 -30.64
C GLY A 155 10.36 -31.85 -30.30
N LYS A 156 11.05 -31.24 -29.35
CA LYS A 156 10.80 -29.82 -29.11
C LYS A 156 11.55 -28.99 -30.15
N PRO A 157 10.96 -27.90 -30.64
CA PRO A 157 11.64 -27.08 -31.66
C PRO A 157 12.82 -26.26 -31.14
N ASN A 158 12.97 -26.11 -29.83
CA ASN A 158 14.08 -25.36 -29.27
C ASN A 158 14.58 -26.01 -27.99
N GLY A 159 15.84 -25.77 -27.68
CA GLY A 159 16.38 -26.07 -26.36
C GLY A 159 16.88 -24.84 -25.63
N LEU A 160 17.08 -24.95 -24.31
CA LEU A 160 17.57 -23.83 -23.55
C LEU A 160 19.00 -23.48 -23.94
N THR A 161 19.29 -22.18 -24.04
CA THR A 161 20.66 -21.73 -24.14
C THR A 161 21.26 -21.61 -22.73
N ILE A 162 22.57 -21.44 -22.68
CA ILE A 162 23.22 -21.34 -21.38
C ILE A 162 22.73 -20.09 -20.65
N ASN A 163 22.62 -18.95 -21.34
CA ASN A 163 22.13 -17.75 -20.67
C ASN A 163 20.71 -17.93 -20.17
N GLN A 164 19.86 -18.57 -20.97
CA GLN A 164 18.48 -18.82 -20.56
C GLN A 164 18.42 -19.70 -19.32
N GLY A 165 19.26 -20.75 -19.28
CA GLY A 165 19.26 -21.64 -18.13
C GLY A 165 19.83 -20.99 -16.88
N ALA A 166 20.85 -20.15 -17.04
CA ALA A 166 21.54 -19.52 -15.92
C ALA A 166 20.73 -18.42 -15.25
N THR A 167 19.74 -17.84 -15.95
CA THR A 167 18.95 -16.73 -15.44
C THR A 167 17.48 -17.09 -15.25
N ILE A 168 17.11 -18.37 -15.30
CA ILE A 168 15.71 -18.76 -15.31
C ILE A 168 15.08 -18.73 -13.94
N SER A 169 15.89 -18.78 -12.87
CA SER A 169 15.35 -19.05 -11.55
C SER A 169 14.78 -17.81 -10.87
N VAL A 170 15.06 -16.61 -11.37
CA VAL A 170 14.59 -15.40 -10.71
C VAL A 170 13.72 -14.53 -11.61
N ASN A 171 14.34 -13.78 -12.52
CA ASN A 171 13.63 -12.72 -13.23
C ASN A 171 12.40 -13.20 -14.02
N PRO A 172 12.43 -14.34 -14.72
CA PRO A 172 11.20 -14.81 -15.37
C PRO A 172 10.10 -15.13 -14.38
N LEU A 173 10.43 -15.72 -13.22
CA LEU A 173 9.39 -16.03 -12.23
C LEU A 173 8.86 -14.78 -11.56
N VAL A 174 9.71 -13.78 -11.35
CA VAL A 174 9.26 -12.52 -10.76
C VAL A 174 8.16 -11.91 -11.63
N ALA A 175 8.43 -11.78 -12.93
CA ALA A 175 7.46 -11.17 -13.83
C ALA A 175 6.17 -11.98 -13.89
N TYR A 176 6.28 -13.32 -13.97
CA TYR A 176 5.10 -14.17 -14.08
C TYR A 176 4.23 -14.09 -12.83
N LEU A 177 4.84 -14.15 -11.65
CA LEU A 177 4.06 -14.17 -10.41
C LEU A 177 3.44 -12.81 -10.12
N MET A 178 4.15 -11.72 -10.39
CA MET A 178 3.54 -10.38 -10.20
C MET A 178 2.31 -10.22 -11.08
N LEU A 179 2.34 -10.78 -12.30
CA LEU A 179 1.26 -10.59 -13.25
C LEU A 179 0.08 -11.52 -13.02
N THR A 180 0.27 -12.67 -12.34
CA THR A 180 -0.79 -13.65 -12.21
C THR A 180 -1.24 -13.96 -10.79
N HIS A 181 -0.43 -13.67 -9.77
CA HIS A 181 -0.75 -14.15 -8.43
C HIS A 181 -1.57 -13.17 -7.58
N TYR A 182 -1.76 -11.92 -8.00
CA TYR A 182 -2.33 -10.89 -7.12
C TYR A 182 -3.65 -10.33 -7.60
N VAL A 183 -3.75 -9.93 -8.87
CA VAL A 183 -5.02 -9.48 -9.45
C VAL A 183 -5.27 -10.25 -10.74
N LYS A 184 -6.53 -10.56 -10.99
CA LYS A 184 -6.94 -11.24 -12.23
C LYS A 184 -7.25 -10.20 -13.29
N LEU A 185 -6.40 -10.12 -14.31
CA LEU A 185 -6.62 -9.21 -15.43
C LEU A 185 -7.48 -9.91 -16.49
N THR A 186 -8.49 -9.23 -17.00
CA THR A 186 -9.39 -9.83 -18.01
C THR A 186 -8.73 -9.80 -19.40
N PRO A 187 -8.55 -10.95 -20.07
CA PRO A 187 -7.82 -10.94 -21.35
C PRO A 187 -8.46 -10.05 -22.41
N GLY A 188 -7.60 -9.33 -23.13
CA GLY A 188 -8.02 -8.38 -24.14
C GLY A 188 -8.44 -7.03 -23.63
N LYS A 189 -8.85 -6.93 -22.37
CA LYS A 189 -9.50 -5.74 -21.86
C LYS A 189 -8.65 -4.98 -20.84
N ASP A 190 -8.12 -5.65 -19.82
CA ASP A 190 -7.47 -4.97 -18.70
C ASP A 190 -6.00 -4.67 -19.00
N TRP A 191 -5.42 -3.76 -18.19
CA TRP A 191 -4.09 -3.21 -18.40
C TRP A 191 -3.24 -3.32 -17.13
N PHE A 192 -1.93 -3.48 -17.31
CA PHE A 192 -0.97 -3.14 -16.27
C PHE A 192 0.00 -2.09 -16.78
N ILE A 193 0.63 -1.39 -15.84
CA ILE A 193 1.61 -0.38 -16.15
C ILE A 193 2.84 -0.65 -15.29
N GLN A 194 4.02 -0.43 -15.86
CA GLN A 194 5.29 -0.69 -15.19
C GLN A 194 6.32 0.36 -15.58
N ASN A 195 7.22 0.67 -14.65
CA ASN A 195 8.39 1.45 -14.99
C ASN A 195 9.58 0.49 -15.06
N GLY A 196 10.77 1.04 -15.30
CA GLY A 196 11.93 0.25 -15.66
C GLY A 196 11.65 -0.69 -16.82
N GLY A 197 11.07 -0.16 -17.90
CA GLY A 197 10.61 -1.00 -19.01
C GLY A 197 11.72 -1.68 -19.80
N THR A 198 12.95 -1.18 -19.69
CA THR A 198 14.08 -1.82 -20.35
C THR A 198 14.83 -2.78 -19.45
N SER A 199 14.36 -2.99 -18.22
CA SER A 199 15.01 -3.96 -17.33
C SER A 199 14.70 -5.39 -17.79
N ALA A 200 15.47 -6.33 -17.26
CA ALA A 200 15.26 -7.74 -17.58
C ALA A 200 13.86 -8.18 -17.18
N VAL A 201 13.44 -7.84 -15.95
CA VAL A 201 12.10 -8.19 -15.48
C VAL A 201 11.03 -7.53 -16.33
N GLY A 202 11.23 -6.24 -16.67
CA GLY A 202 10.27 -5.54 -17.51
C GLY A 202 10.07 -6.20 -18.86
N LYS A 203 11.15 -6.70 -19.47
CA LYS A 203 11.07 -7.33 -20.78
C LYS A 203 10.38 -8.69 -20.71
N TYR A 204 10.59 -9.42 -19.61
CA TYR A 204 9.82 -10.65 -19.40
C TYR A 204 8.33 -10.33 -19.20
N ALA A 205 8.02 -9.26 -18.46
CA ALA A 205 6.60 -8.94 -18.22
C ALA A 205 5.89 -8.52 -19.51
N SER A 206 6.56 -7.79 -20.41
CA SER A 206 5.95 -7.45 -21.70
C SER A 206 5.62 -8.72 -22.50
N GLN A 207 6.53 -9.68 -22.52
CA GLN A 207 6.30 -10.91 -23.29
C GLN A 207 5.19 -11.75 -22.66
N ILE A 208 5.17 -11.85 -21.34
CA ILE A 208 4.13 -12.63 -20.68
C ILE A 208 2.78 -11.94 -20.83
N GLY A 209 2.75 -10.61 -20.75
CA GLY A 209 1.52 -9.89 -21.07
C GLY A 209 0.98 -10.26 -22.44
N LYS A 210 1.86 -10.27 -23.44
CA LYS A 210 1.43 -10.63 -24.79
C LYS A 210 0.92 -12.06 -24.85
N LEU A 211 1.61 -13.00 -24.19
CA LEU A 211 1.21 -14.40 -24.23
C LEU A 211 -0.13 -14.64 -23.53
N LEU A 212 -0.42 -13.91 -22.47
CA LEU A 212 -1.68 -14.04 -21.74
C LEU A 212 -2.77 -13.07 -22.20
N ASN A 213 -2.50 -12.25 -23.23
CA ASN A 213 -3.46 -11.25 -23.74
C ASN A 213 -3.83 -10.19 -22.71
N PHE A 214 -2.83 -9.65 -22.04
CA PHE A 214 -2.96 -8.47 -21.19
C PHE A 214 -2.44 -7.25 -21.94
N ASN A 215 -3.12 -6.12 -21.79
CA ASN A 215 -2.59 -4.86 -22.31
C ASN A 215 -1.59 -4.27 -21.31
N SER A 216 -0.61 -3.50 -21.80
CA SER A 216 0.36 -2.91 -20.89
C SER A 216 0.89 -1.58 -21.41
N ILE A 217 1.29 -0.72 -20.45
CA ILE A 217 2.07 0.49 -20.71
C ILE A 217 3.44 0.32 -20.05
N SER A 218 4.51 0.52 -20.82
CA SER A 218 5.87 0.56 -20.27
C SER A 218 6.37 1.99 -20.21
N VAL A 219 6.83 2.40 -19.03
CA VAL A 219 7.48 3.70 -18.85
C VAL A 219 8.98 3.48 -18.84
N ILE A 220 9.72 4.28 -19.64
CA ILE A 220 11.16 4.14 -19.76
C ILE A 220 11.83 5.51 -19.73
N ARG A 221 13.10 5.51 -19.36
CA ARG A 221 13.93 6.70 -19.45
C ARG A 221 14.16 7.07 -20.92
N ASP A 222 14.21 8.36 -21.22
CA ASP A 222 14.53 8.82 -22.57
C ASP A 222 15.99 8.55 -22.86
N ARG A 223 16.33 8.45 -24.16
CA ARG A 223 17.66 8.07 -24.59
CA ARG A 223 17.65 8.05 -24.60
C ARG A 223 17.86 8.57 -26.00
N PRO A 224 19.12 8.60 -26.47
CA PRO A 224 19.39 9.02 -27.86
C PRO A 224 18.75 8.13 -28.92
N ASN A 225 18.65 6.83 -28.69
CA ASN A 225 18.06 5.90 -29.66
C ASN A 225 16.64 5.51 -29.25
N LEU A 226 15.81 6.49 -28.87
CA LEU A 226 14.50 6.19 -28.31
C LEU A 226 13.63 5.38 -29.28
N ASP A 227 13.62 5.77 -30.55
CA ASP A 227 12.74 5.13 -31.53
C ASP A 227 13.04 3.65 -31.66
N GLU A 228 14.33 3.28 -31.63
CA GLU A 228 14.70 1.87 -31.76
C GLU A 228 14.33 1.08 -30.51
N VAL A 229 14.47 1.67 -29.32
CA VAL A 229 14.11 0.96 -28.10
C VAL A 229 12.60 0.76 -28.04
N VAL A 230 11.83 1.77 -28.44
CA VAL A 230 10.38 1.69 -28.45
C VAL A 230 9.90 0.57 -29.37
N ALA A 231 10.44 0.52 -30.59
CA ALA A 231 10.07 -0.55 -31.53
C ALA A 231 10.40 -1.91 -30.94
N SER A 232 11.54 -2.03 -30.27
CA SER A 232 11.94 -3.32 -29.72
C SER A 232 11.02 -3.78 -28.59
N LEU A 233 10.60 -2.86 -27.71
CA LEU A 233 9.71 -3.24 -26.63
C LEU A 233 8.31 -3.60 -27.14
N LYS A 234 7.82 -2.89 -28.16
CA LYS A 234 6.53 -3.25 -28.73
C LYS A 234 6.57 -4.63 -29.39
N GLU A 235 7.69 -4.98 -30.02
CA GLU A 235 7.80 -6.32 -30.59
C GLU A 235 7.79 -7.39 -29.50
N LEU A 236 8.34 -7.09 -28.31
CA LEU A 236 8.29 -8.05 -27.21
C LEU A 236 6.87 -8.22 -26.67
N GLY A 237 6.08 -7.16 -26.66
CA GLY A 237 4.69 -7.28 -26.26
C GLY A 237 4.09 -6.09 -25.54
N ALA A 238 4.84 -5.00 -25.39
CA ALA A 238 4.28 -3.80 -24.78
C ALA A 238 3.26 -3.18 -25.73
N THR A 239 2.08 -2.82 -25.21
CA THR A 239 1.05 -2.21 -26.07
C THR A 239 1.40 -0.76 -26.36
N GLN A 240 1.86 -0.02 -25.36
CA GLN A 240 2.31 1.35 -25.51
C GLN A 240 3.59 1.53 -24.68
N VAL A 241 4.43 2.46 -25.13
CA VAL A 241 5.67 2.82 -24.46
C VAL A 241 5.72 4.33 -24.37
N ILE A 242 5.97 4.86 -23.17
CA ILE A 242 6.05 6.30 -22.95
C ILE A 242 7.32 6.64 -22.17
N THR A 243 7.79 7.89 -22.30
CA THR A 243 8.96 8.36 -21.56
C THR A 243 8.59 8.83 -20.15
N GLU A 244 9.62 8.97 -19.30
CA GLU A 244 9.38 9.53 -17.96
C GLU A 244 8.83 10.94 -18.04
N ASP A 245 9.23 11.74 -19.04
CA ASP A 245 8.64 13.05 -19.21
C ASP A 245 7.14 12.95 -19.49
N GLN A 246 6.73 11.98 -20.32
CA GLN A 246 5.30 11.80 -20.57
C GLN A 246 4.58 11.28 -19.33
N ASN A 247 5.22 10.39 -18.57
CA ASN A 247 4.68 9.91 -17.31
C ASN A 247 4.43 11.06 -16.33
N ASN A 248 5.27 12.08 -16.34
CA ASN A 248 5.12 13.22 -15.45
C ASN A 248 4.09 14.24 -15.94
N SER A 249 3.63 14.16 -17.17
CA SER A 249 2.79 15.21 -17.74
C SER A 249 1.34 15.02 -17.35
N ARG A 250 0.76 16.05 -16.74
CA ARG A 250 -0.66 16.02 -16.37
C ARG A 250 -1.56 16.21 -17.59
N GLU A 251 -1.09 16.96 -18.60
CA GLU A 251 -1.87 17.12 -19.81
C GLU A 251 -1.96 15.84 -20.64
N PHE A 252 -1.16 14.82 -20.34
CA PHE A 252 -1.19 13.56 -21.06
C PHE A 252 -2.25 12.61 -20.52
N GLY A 253 -2.83 12.90 -19.36
CA GLY A 253 -3.71 11.97 -18.68
C GLY A 253 -4.93 11.60 -19.50
N PRO A 254 -5.44 12.51 -20.34
CA PRO A 254 -6.61 12.15 -21.14
C PRO A 254 -6.32 11.18 -22.27
N THR A 255 -5.12 11.24 -22.84
CA THR A 255 -4.76 10.25 -23.86
C THR A 255 -4.75 8.85 -23.27
N ILE A 256 -4.20 8.69 -22.07
CA ILE A 256 -4.10 7.37 -21.47
C ILE A 256 -5.48 6.85 -21.06
N LYS A 257 -6.34 7.73 -20.54
CA LYS A 257 -7.71 7.34 -20.24
C LYS A 257 -8.41 6.80 -21.47
N GLU A 258 -8.13 7.38 -22.65
CA GLU A 258 -8.81 6.95 -23.87
C GLU A 258 -8.30 5.61 -24.38
N TRP A 259 -7.00 5.33 -24.23
CA TRP A 259 -6.48 3.98 -24.50
C TRP A 259 -7.27 2.95 -23.71
N ILE A 260 -7.44 3.19 -22.41
CA ILE A 260 -8.07 2.21 -21.53
C ILE A 260 -9.56 2.07 -21.87
N LYS A 261 -10.23 3.19 -22.13
CA LYS A 261 -11.64 3.16 -22.50
C LYS A 261 -11.87 2.39 -23.79
N GLN A 262 -11.02 2.58 -24.79
CA GLN A 262 -11.22 1.93 -26.09
C GLN A 262 -11.14 0.41 -25.96
N SER A 263 -10.37 -0.10 -25.00
CA SER A 263 -10.26 -1.55 -24.80
C SER A 263 -11.41 -2.11 -23.97
N GLY A 264 -12.22 -1.26 -23.35
CA GLY A 264 -13.30 -1.71 -22.48
C GLY A 264 -12.87 -2.26 -21.15
N GLY A 265 -11.63 -2.02 -20.74
CA GLY A 265 -11.10 -2.55 -19.50
C GLY A 265 -10.67 -1.48 -18.52
N GLU A 266 -9.81 -1.86 -17.57
CA GLU A 266 -9.34 -0.96 -16.53
C GLU A 266 -7.86 -1.22 -16.27
N ALA A 267 -7.16 -0.19 -15.81
CA ALA A 267 -5.78 -0.32 -15.37
C ALA A 267 -5.81 -0.77 -13.90
N LYS A 268 -5.47 -2.03 -13.65
CA LYS A 268 -5.65 -2.63 -12.34
C LYS A 268 -4.37 -2.84 -11.56
N LEU A 269 -3.22 -2.85 -12.23
CA LEU A 269 -1.97 -3.26 -11.58
C LEU A 269 -0.82 -2.39 -12.07
N ALA A 270 -0.01 -1.90 -11.13
CA ALA A 270 1.21 -1.15 -11.39
C ALA A 270 2.40 -1.88 -10.77
N LEU A 271 3.49 -1.98 -11.53
CA LEU A 271 4.73 -2.62 -11.10
C LEU A 271 5.84 -1.57 -11.00
N ASN A 272 6.39 -1.41 -9.80
CA ASN A 272 7.35 -0.35 -9.52
C ASN A 272 8.68 -0.96 -9.12
N CYS A 273 9.74 -0.58 -9.85
CA CYS A 273 11.12 -0.86 -9.46
C CYS A 273 11.98 0.40 -9.42
N VAL A 274 11.38 1.60 -9.47
CA VAL A 274 12.14 2.84 -9.55
C VAL A 274 11.95 3.70 -8.30
N GLY A 275 10.71 3.91 -7.88
CA GLY A 275 10.45 4.82 -6.78
C GLY A 275 10.33 6.27 -7.22
N GLY A 276 10.24 7.14 -6.21
CA GLY A 276 10.19 8.59 -6.44
C GLY A 276 9.07 9.04 -7.35
N LYS A 277 9.38 10.04 -8.18
CA LYS A 277 8.39 10.64 -9.06
C LYS A 277 7.81 9.63 -10.07
N SER A 278 8.62 8.66 -10.49
CA SER A 278 8.12 7.65 -11.41
C SER A 278 7.00 6.83 -10.79
N SER A 279 7.15 6.45 -9.51
CA SER A 279 6.10 5.69 -8.83
C SER A 279 4.83 6.53 -8.67
N THR A 280 4.97 7.83 -8.41
CA THR A 280 3.81 8.71 -8.37
C THR A 280 3.05 8.67 -9.69
N GLY A 281 3.80 8.76 -10.80
CA GLY A 281 3.18 8.87 -12.11
C GLY A 281 2.42 7.63 -12.53
N ILE A 282 2.97 6.45 -12.28
CA ILE A 282 2.24 5.26 -12.70
C ILE A 282 1.06 4.98 -11.75
N ALA A 283 1.17 5.37 -10.48
CA ALA A 283 0.05 5.19 -9.55
C ALA A 283 -1.15 6.02 -9.98
N ARG A 284 -0.90 7.24 -10.47
CA ARG A 284 -1.99 8.12 -10.91
C ARG A 284 -2.75 7.57 -12.10
N LYS A 285 -2.17 6.66 -12.88
CA LYS A 285 -2.82 6.16 -14.08
C LYS A 285 -3.69 4.93 -13.84
N LEU A 286 -3.73 4.39 -12.63
CA LEU A 286 -4.62 3.26 -12.35
C LEU A 286 -6.07 3.73 -12.18
N ASN A 287 -7.01 2.86 -12.54
CA ASN A 287 -8.40 3.07 -12.17
C ASN A 287 -8.58 2.87 -10.66
N ASN A 288 -9.79 3.12 -10.19
CA ASN A 288 -10.14 2.88 -8.79
C ASN A 288 -9.89 1.42 -8.40
N ASN A 289 -9.54 1.20 -7.12
CA ASN A 289 -9.25 -0.13 -6.56
C ASN A 289 -7.97 -0.74 -7.13
N GLY A 290 -7.02 0.08 -7.51
CA GLY A 290 -5.79 -0.40 -8.10
C GLY A 290 -4.77 -0.86 -7.07
N LEU A 291 -3.82 -1.68 -7.54
CA LEU A 291 -2.78 -2.24 -6.71
C LEU A 291 -1.40 -1.94 -7.31
N MET A 292 -0.47 -1.48 -6.47
CA MET A 292 0.92 -1.33 -6.86
C MET A 292 1.76 -2.36 -6.10
N LEU A 293 2.67 -3.02 -6.82
CA LEU A 293 3.67 -3.92 -6.24
C LEU A 293 5.04 -3.30 -6.48
N THR A 294 5.77 -3.07 -5.39
CA THR A 294 7.13 -2.56 -5.47
C THR A 294 8.08 -3.75 -5.35
N TYR A 295 8.91 -3.96 -6.35
CA TYR A 295 9.85 -5.07 -6.31
C TYR A 295 11.30 -4.63 -6.44
N GLY A 296 11.57 -3.34 -6.64
CA GLY A 296 12.93 -2.83 -6.68
C GLY A 296 12.89 -1.35 -6.37
N GLY A 297 14.07 -0.75 -6.32
CA GLY A 297 14.19 0.65 -6.03
C GLY A 297 15.48 1.23 -6.58
N MET A 298 15.64 1.18 -7.90
CA MET A 298 16.90 1.54 -8.56
C MET A 298 17.20 3.03 -8.44
N SER A 299 16.17 3.87 -8.29
CA SER A 299 16.39 5.30 -8.09
C SER A 299 16.95 5.61 -6.71
N PHE A 300 16.79 4.69 -5.75
CA PHE A 300 17.17 4.89 -4.35
C PHE A 300 16.30 5.93 -3.66
N GLN A 301 15.24 6.40 -4.31
CA GLN A 301 14.25 7.28 -3.74
C GLN A 301 13.07 6.48 -3.22
N PRO A 302 12.42 6.94 -2.15
CA PRO A 302 11.29 6.21 -1.59
C PRO A 302 10.06 6.22 -2.50
N VAL A 303 9.14 5.30 -2.20
CA VAL A 303 7.85 5.27 -2.89
C VAL A 303 7.00 6.44 -2.41
N THR A 304 6.48 7.20 -3.37
CA THR A 304 5.84 8.49 -3.12
C THR A 304 4.45 8.45 -3.76
N ILE A 305 3.41 8.45 -2.93
CA ILE A 305 2.03 8.31 -3.40
C ILE A 305 1.19 9.47 -2.87
N PRO A 306 0.45 10.20 -3.71
CA PRO A 306 -0.42 11.25 -3.20
C PRO A 306 -1.51 10.71 -2.29
N THR A 307 -1.76 11.42 -1.20
CA THR A 307 -2.79 11.06 -0.23
C THR A 307 -4.14 10.76 -0.91
N SER A 308 -4.52 11.54 -1.92
CA SER A 308 -5.84 11.45 -2.52
C SER A 308 -6.08 10.10 -3.21
N LEU A 309 -5.02 9.42 -3.66
CA LEU A 309 -5.23 8.12 -4.28
C LEU A 309 -5.64 7.07 -3.24
N TYR A 310 -5.01 7.10 -2.07
CA TYR A 310 -5.39 6.21 -0.98
C TYR A 310 -6.84 6.45 -0.55
N ILE A 311 -7.22 7.70 -0.35
CA ILE A 311 -8.50 7.99 0.28
C ILE A 311 -9.65 7.85 -0.73
N PHE A 312 -9.55 8.48 -1.90
CA PHE A 312 -10.69 8.58 -2.81
C PHE A 312 -10.69 7.55 -3.93
N LYS A 313 -9.56 6.89 -4.21
CA LYS A 313 -9.50 5.90 -5.29
C LYS A 313 -9.20 4.50 -4.78
N ASN A 314 -9.30 4.27 -3.47
CA ASN A 314 -9.10 2.96 -2.85
C ASN A 314 -7.80 2.29 -3.35
N PHE A 315 -6.71 3.05 -3.37
CA PHE A 315 -5.42 2.55 -3.82
C PHE A 315 -4.71 1.75 -2.72
N THR A 316 -4.03 0.67 -3.12
CA THR A 316 -3.20 -0.11 -2.20
C THR A 316 -1.79 -0.27 -2.76
N SER A 317 -0.80 -0.12 -1.89
CA SER A 317 0.61 -0.28 -2.24
C SER A 317 1.21 -1.36 -1.36
N ALA A 318 1.85 -2.35 -1.98
CA ALA A 318 2.43 -3.48 -1.30
C ALA A 318 3.78 -3.83 -1.93
N GLY A 319 4.43 -4.83 -1.36
CA GLY A 319 5.74 -5.24 -1.80
C GLY A 319 5.74 -6.65 -2.41
N PHE A 320 6.84 -6.95 -3.08
CA PHE A 320 7.06 -8.27 -3.67
C PHE A 320 8.50 -8.69 -3.50
N TRP A 321 8.70 -9.90 -2.95
CA TRP A 321 10.03 -10.49 -2.79
C TRP A 321 9.94 -11.98 -3.08
N VAL A 322 10.48 -12.42 -4.23
CA VAL A 322 10.22 -13.78 -4.70
C VAL A 322 10.75 -14.81 -3.72
N THR A 323 11.88 -14.52 -3.07
CA THR A 323 12.46 -15.45 -2.10
C THR A 323 11.49 -15.71 -0.95
N GLU A 324 10.88 -14.66 -0.42
CA GLU A 324 9.93 -14.83 0.68
C GLU A 324 8.67 -15.54 0.22
N LEU A 325 8.14 -15.16 -0.96
CA LEU A 325 6.89 -15.74 -1.45
C LEU A 325 7.01 -17.25 -1.63
N LEU A 326 8.13 -17.73 -2.17
CA LEU A 326 8.27 -19.14 -2.51
C LEU A 326 8.89 -19.95 -1.37
N LYS A 327 9.14 -19.34 -0.20
CA LYS A 327 9.87 -20.00 0.87
C LYS A 327 9.27 -21.37 1.20
N ASN A 328 7.97 -21.40 1.49
CA ASN A 328 7.30 -22.63 1.88
C ASN A 328 6.17 -22.95 0.90
N ASN A 329 6.41 -22.72 -0.40
CA ASN A 329 5.40 -22.96 -1.41
C ASN A 329 6.07 -23.52 -2.66
N LYS A 330 6.38 -24.81 -2.64
CA LYS A 330 7.14 -25.38 -3.75
C LYS A 330 6.27 -25.91 -4.87
N GLU A 331 4.97 -26.17 -4.65
CA GLU A 331 4.08 -26.37 -5.78
C GLU A 331 4.08 -25.15 -6.69
N LEU A 332 3.98 -23.97 -6.08
CA LEU A 332 3.91 -22.73 -6.86
C LEU A 332 5.21 -22.50 -7.61
N LYS A 333 6.34 -22.71 -6.94
CA LYS A 333 7.62 -22.55 -7.63
C LYS A 333 7.75 -23.57 -8.77
N THR A 334 7.38 -24.83 -8.53
CA THR A 334 7.52 -25.87 -9.55
C THR A 334 6.63 -25.57 -10.75
N SER A 335 5.37 -25.22 -10.49
CA SER A 335 4.43 -24.98 -11.57
C SER A 335 4.79 -23.73 -12.37
N THR A 336 5.34 -22.71 -11.71
CA THR A 336 5.74 -21.52 -12.44
C THR A 336 6.95 -21.81 -13.33
N LEU A 337 7.96 -22.47 -12.77
CA LEU A 337 9.17 -22.80 -13.53
C LEU A 337 8.88 -23.73 -14.71
N ASN A 338 8.00 -24.72 -14.53
CA ASN A 338 7.65 -25.59 -15.64
C ASN A 338 7.05 -24.80 -16.81
N GLN A 339 6.25 -23.76 -16.51
CA GLN A 339 5.65 -22.97 -17.57
C GLN A 339 6.68 -22.14 -18.32
N ILE A 340 7.63 -21.54 -17.61
CA ILE A 340 8.72 -20.82 -18.27
C ILE A 340 9.53 -21.77 -19.14
N ILE A 341 9.82 -22.97 -18.63
CA ILE A 341 10.60 -23.94 -19.41
C ILE A 341 9.85 -24.29 -20.70
N ALA A 342 8.55 -24.56 -20.58
CA ALA A 342 7.78 -24.96 -21.76
C ALA A 342 7.77 -23.85 -22.82
N TRP A 343 7.68 -22.59 -22.38
CA TRP A 343 7.64 -21.47 -23.32
C TRP A 343 8.99 -21.30 -24.04
N TYR A 344 10.11 -21.50 -23.34
CA TYR A 344 11.41 -21.48 -24.01
C TYR A 344 11.53 -22.60 -25.04
N GLU A 345 11.10 -23.82 -24.70
CA GLU A 345 11.19 -24.95 -25.61
C GLU A 345 10.33 -24.75 -26.86
N GLU A 346 9.17 -24.09 -26.69
CA GLU A 346 8.26 -23.88 -27.82
C GLU A 346 8.60 -22.63 -28.62
N GLY A 347 9.62 -21.88 -28.21
CA GLY A 347 10.05 -20.69 -28.94
C GLY A 347 9.21 -19.46 -28.69
N LYS A 348 8.47 -19.41 -27.58
CA LYS A 348 7.52 -18.34 -27.33
C LYS A 348 8.05 -17.26 -26.40
N LEU A 349 9.14 -17.54 -25.69
CA LEU A 349 9.78 -16.60 -24.79
C LEU A 349 11.23 -16.44 -25.20
N THR A 350 11.74 -15.22 -25.14
CA THR A 350 13.16 -14.96 -25.39
C THR A 350 13.75 -14.17 -24.23
N ASP A 351 15.05 -14.38 -24.01
CA ASP A 351 15.82 -13.70 -22.99
C ASP A 351 16.44 -12.41 -23.52
N ALA A 352 16.71 -11.48 -22.61
CA ALA A 352 17.60 -10.37 -22.96
C ALA A 352 19.02 -10.90 -22.99
N LYS A 353 19.77 -10.55 -24.03
CA LYS A 353 21.10 -11.10 -24.19
C LYS A 353 22.06 -10.49 -23.17
N SER A 354 22.93 -11.34 -22.63
CA SER A 354 23.94 -10.92 -21.68
C SER A 354 25.26 -10.71 -22.41
N ILE A 355 26.12 -9.89 -21.79
CA ILE A 355 27.51 -9.81 -22.22
C ILE A 355 28.26 -10.95 -21.54
N GLU A 356 28.79 -11.86 -22.34
CA GLU A 356 29.37 -13.10 -21.83
C GLU A 356 30.89 -12.99 -21.82
N THR A 357 31.49 -13.40 -20.71
CA THR A 357 32.94 -13.45 -20.56
C THR A 357 33.31 -14.87 -20.17
N LEU A 358 34.14 -15.51 -20.99
CA LEU A 358 34.51 -16.89 -20.79
C LEU A 358 35.73 -16.99 -19.88
N TYR A 359 35.66 -17.85 -18.88
CA TYR A 359 36.79 -18.16 -18.02
C TYR A 359 37.59 -19.27 -18.68
N ASP A 360 38.83 -18.97 -19.07
CA ASP A 360 39.73 -19.97 -19.64
C ASP A 360 41.01 -20.17 -18.83
N GLY A 361 41.16 -19.49 -17.69
CA GLY A 361 42.30 -19.72 -16.83
C GLY A 361 43.48 -18.80 -17.03
N THR A 362 43.40 -17.87 -17.98
CA THR A 362 44.48 -16.90 -18.21
C THR A 362 44.34 -15.66 -17.34
N LYS A 363 43.15 -15.41 -16.81
CA LYS A 363 42.85 -14.27 -15.96
C LYS A 363 42.15 -14.80 -14.71
N PRO A 364 42.51 -14.33 -13.51
CA PRO A 364 41.92 -14.93 -12.30
C PRO A 364 40.41 -14.75 -12.28
N LEU A 365 39.71 -15.74 -11.72
CA LEU A 365 38.25 -15.79 -11.83
C LEU A 365 37.59 -14.57 -11.16
N HIS A 366 38.10 -14.13 -10.01
CA HIS A 366 37.47 -13.01 -9.33
C HIS A 366 37.56 -11.72 -10.11
N GLU A 367 38.56 -11.59 -11.00
CA GLU A 367 38.70 -10.36 -11.79
C GLU A 367 37.65 -10.28 -12.88
N LEU A 368 37.25 -11.43 -13.43
CA LEU A 368 36.14 -11.48 -14.36
C LEU A 368 34.85 -11.02 -13.70
N TYR A 369 34.61 -11.42 -12.45
CA TYR A 369 33.41 -10.97 -11.76
C TYR A 369 33.54 -9.51 -11.33
N GLN A 370 34.75 -9.08 -10.94
CA GLN A 370 34.95 -7.66 -10.63
C GLN A 370 34.68 -6.80 -11.87
N ASP A 371 35.10 -7.26 -13.05
CA ASP A 371 34.77 -6.56 -14.28
C ASP A 371 33.27 -6.59 -14.55
N GLY A 372 32.62 -7.72 -14.27
CA GLY A 372 31.19 -7.80 -14.45
C GLY A 372 30.43 -6.81 -13.57
N VAL A 373 30.89 -6.63 -12.33
CA VAL A 373 30.28 -5.64 -11.45
C VAL A 373 30.46 -4.25 -12.02
N ALA A 374 31.70 -3.92 -12.42
CA ALA A 374 32.00 -2.57 -12.89
C ALA A 374 31.27 -2.23 -14.18
N ASN A 375 31.03 -3.23 -15.04
CA ASN A 375 30.43 -3.01 -16.35
C ASN A 375 28.94 -3.33 -16.39
N SER A 376 28.30 -3.48 -15.23
CA SER A 376 26.88 -3.86 -15.22
C SER A 376 26.00 -2.80 -15.84
N LYS A 377 26.47 -1.55 -15.92
CA LYS A 377 25.71 -0.51 -16.60
C LYS A 377 25.61 -0.78 -18.10
N ASP A 378 26.57 -1.51 -18.66
CA ASP A 378 26.51 -1.87 -20.08
C ASP A 378 25.44 -2.90 -20.35
N GLY A 379 24.93 -3.57 -19.32
CA GLY A 379 23.97 -4.65 -19.51
C GLY A 379 24.26 -5.84 -18.62
N LYS A 380 23.36 -6.81 -18.62
CA LYS A 380 23.51 -8.00 -17.79
C LYS A 380 24.80 -8.71 -18.14
N GLN A 381 25.60 -9.03 -17.11
CA GLN A 381 26.90 -9.66 -17.27
C GLN A 381 26.81 -11.13 -16.87
N LEU A 382 27.25 -12.03 -17.77
CA LEU A 382 27.27 -13.46 -17.52
C LEU A 382 28.70 -13.96 -17.68
N ILE A 383 29.21 -14.63 -16.65
CA ILE A 383 30.49 -15.34 -16.74
C ILE A 383 30.22 -16.79 -17.09
N THR A 384 30.84 -17.28 -18.16
CA THR A 384 30.66 -18.64 -18.64
C THR A 384 31.95 -19.44 -18.45
N TYR A 385 31.83 -20.76 -18.54
CA TYR A 385 32.93 -21.67 -18.20
C TYR A 385 33.13 -22.70 -19.27
N HIS B 21 -49.84 25.57 10.31
CA HIS B 21 -50.06 24.76 9.12
C HIS B 21 -48.82 24.75 8.21
N MET B 22 -48.25 25.93 7.95
CA MET B 22 -47.10 26.07 7.06
C MET B 22 -45.87 26.56 7.84
N ILE B 23 -44.78 25.81 7.74
CA ILE B 23 -43.53 26.14 8.39
C ILE B 23 -42.64 26.83 7.37
N THR B 24 -42.10 27.98 7.74
CA THR B 24 -41.12 28.69 6.93
C THR B 24 -39.74 28.34 7.46
N ALA B 25 -38.87 27.83 6.57
CA ALA B 25 -37.55 27.33 6.93
C ALA B 25 -36.47 28.07 6.13
N GLN B 26 -35.22 27.90 6.57
CA GLN B 26 -34.04 28.52 5.95
C GLN B 26 -33.01 27.44 5.62
N ALA B 27 -32.35 27.57 4.47
CA ALA B 27 -31.31 26.64 4.07
C ALA B 27 -30.14 27.38 3.43
N VAL B 28 -28.92 26.93 3.73
CA VAL B 28 -27.69 27.45 3.14
C VAL B 28 -27.42 26.67 1.86
N LEU B 29 -27.35 27.37 0.71
CA LEU B 29 -27.22 26.76 -0.61
C LEU B 29 -26.11 27.42 -1.43
N TYR B 30 -25.78 26.79 -2.55
CA TYR B 30 -24.93 27.41 -3.56
C TYR B 30 -25.36 26.92 -4.93
N THR B 31 -25.22 27.79 -5.95
CA THR B 31 -25.48 27.40 -7.33
C THR B 31 -24.23 27.00 -8.10
N GLN B 32 -23.04 27.33 -7.61
CA GLN B 32 -21.79 26.96 -8.26
C GLN B 32 -20.73 26.70 -7.20
N HIS B 33 -19.80 25.80 -7.51
CA HIS B 33 -18.72 25.49 -6.57
C HIS B 33 -17.77 26.67 -6.44
N GLY B 34 -17.08 26.73 -5.31
CA GLY B 34 -16.15 27.80 -5.04
C GLY B 34 -15.87 27.91 -3.55
N GLU B 35 -15.22 29.03 -3.17
CA GLU B 35 -14.93 29.22 -1.76
C GLU B 35 -16.21 29.62 -1.02
N PRO B 36 -16.47 29.04 0.17
CA PRO B 36 -17.71 29.40 0.90
C PRO B 36 -17.93 30.91 1.04
N LYS B 37 -16.87 31.68 1.28
CA LYS B 37 -17.01 33.12 1.42
C LYS B 37 -17.64 33.77 0.19
N ASP B 38 -17.51 33.14 -0.99
CA ASP B 38 -17.97 33.72 -2.25
C ASP B 38 -19.28 33.16 -2.78
N VAL B 39 -19.62 31.89 -2.52
CA VAL B 39 -20.72 31.24 -3.25
C VAL B 39 -21.95 30.93 -2.38
N LEU B 40 -21.87 31.04 -1.07
CA LEU B 40 -23.01 30.64 -0.23
C LEU B 40 -24.08 31.73 -0.15
N PHE B 41 -25.33 31.29 -0.01
CA PHE B 41 -26.45 32.19 0.24
C PHE B 41 -27.51 31.43 1.04
N THR B 42 -28.51 32.16 1.56
CA THR B 42 -29.60 31.59 2.36
C THR B 42 -30.90 31.66 1.56
N GLN B 43 -31.64 30.56 1.56
CA GLN B 43 -32.89 30.46 0.82
C GLN B 43 -34.02 30.12 1.78
N SER B 44 -35.11 30.89 1.72
CA SER B 44 -36.32 30.62 2.48
C SER B 44 -37.20 29.64 1.72
N PHE B 45 -37.80 28.69 2.43
CA PHE B 45 -38.70 27.72 1.80
C PHE B 45 -39.73 27.25 2.81
N GLU B 46 -40.79 26.62 2.30
CA GLU B 46 -41.96 26.27 3.08
C GLU B 46 -42.15 24.75 3.15
N ILE B 47 -42.62 24.30 4.31
CA ILE B 47 -42.94 22.90 4.59
C ILE B 47 -44.37 22.87 5.12
N ASP B 48 -45.19 21.98 4.56
CA ASP B 48 -46.60 21.90 4.93
C ASP B 48 -46.78 20.73 5.90
N ASP B 49 -46.98 21.04 7.17
CA ASP B 49 -47.07 20.01 8.20
C ASP B 49 -48.45 19.38 8.31
N ASP B 50 -49.42 19.83 7.51
CA ASP B 50 -50.74 19.23 7.50
C ASP B 50 -50.90 18.22 6.36
N ASN B 51 -49.88 18.05 5.51
CA ASN B 51 -49.99 17.23 4.31
C ASN B 51 -48.82 16.23 4.23
N LEU B 52 -48.69 15.37 5.24
CA LEU B 52 -47.60 14.39 5.27
C LEU B 52 -48.05 13.08 4.66
N ALA B 53 -47.23 12.56 3.76
CA ALA B 53 -47.42 11.20 3.29
C ALA B 53 -47.25 10.22 4.45
N PRO B 54 -47.78 9.00 4.30
CA PRO B 54 -47.76 8.06 5.44
C PRO B 54 -46.39 7.81 6.05
N ASN B 55 -45.32 7.89 5.27
CA ASN B 55 -43.97 7.57 5.76
C ASN B 55 -43.08 8.81 5.93
N GLU B 56 -43.62 10.02 5.77
CA GLU B 56 -42.81 11.22 5.87
C GLU B 56 -42.68 11.68 7.32
N VAL B 57 -41.60 12.42 7.61
CA VAL B 57 -41.38 12.99 8.94
C VAL B 57 -40.83 14.40 8.75
N ILE B 58 -41.15 15.27 9.71
CA ILE B 58 -40.62 16.63 9.75
C ILE B 58 -39.70 16.73 10.97
N VAL B 59 -38.51 17.30 10.77
CA VAL B 59 -37.51 17.45 11.82
C VAL B 59 -37.07 18.91 11.90
N LYS B 60 -36.59 19.30 13.08
CA LYS B 60 -36.03 20.62 13.29
C LYS B 60 -34.60 20.48 13.81
N THR B 61 -33.67 21.24 13.21
CA THR B 61 -32.25 21.10 13.50
C THR B 61 -31.93 21.61 14.91
N LEU B 62 -31.09 20.85 15.64
CA LEU B 62 -30.57 21.25 16.94
C LEU B 62 -29.14 21.79 16.87
N GLY B 63 -28.30 21.19 16.03
CA GLY B 63 -26.96 21.70 15.78
C GLY B 63 -26.29 20.94 14.65
N SER B 64 -25.40 21.62 13.90
CA SER B 64 -24.63 20.93 12.87
C SER B 64 -23.27 21.60 12.79
N PRO B 65 -22.19 20.82 12.68
CA PRO B 65 -20.83 21.38 12.71
C PRO B 65 -20.31 21.73 11.32
N VAL B 66 -19.17 22.39 11.33
CA VAL B 66 -18.38 22.68 10.13
C VAL B 66 -17.22 21.71 10.11
N ASN B 67 -17.24 20.75 9.20
CA ASN B 67 -16.14 19.80 9.02
C ASN B 67 -15.35 20.12 7.75
N PRO B 68 -14.06 19.72 7.70
CA PRO B 68 -13.29 19.91 6.46
C PRO B 68 -13.94 19.29 5.22
N SER B 69 -14.54 18.10 5.34
CA SER B 69 -15.20 17.52 4.16
C SER B 69 -16.34 18.40 3.66
N ASP B 70 -17.05 19.10 4.56
CA ASP B 70 -18.14 19.97 4.12
C ASP B 70 -17.62 21.11 3.26
N ILE B 71 -16.48 21.69 3.67
CA ILE B 71 -15.88 22.78 2.91
C ILE B 71 -15.37 22.29 1.56
N ASN B 72 -14.72 21.13 1.53
CA ASN B 72 -14.19 20.65 0.26
C ASN B 72 -15.32 20.29 -0.73
N GLN B 73 -16.48 19.86 -0.22
CA GLN B 73 -17.64 19.66 -1.10
C GLN B 73 -18.02 20.96 -1.80
N ILE B 74 -18.16 22.03 -1.01
CA ILE B 74 -18.53 23.34 -1.55
C ILE B 74 -17.50 23.81 -2.57
N GLN B 75 -16.22 23.58 -2.29
CA GLN B 75 -15.14 23.98 -3.20
C GLN B 75 -15.14 23.17 -4.49
N GLY B 76 -15.76 22.00 -4.52
CA GLY B 76 -15.78 21.16 -5.70
C GLY B 76 -14.64 20.18 -5.83
N VAL B 77 -13.90 19.91 -4.76
CA VAL B 77 -12.74 19.01 -4.83
C VAL B 77 -12.96 17.75 -3.99
N TYR B 78 -14.20 17.45 -3.63
CA TYR B 78 -14.55 16.26 -2.85
C TYR B 78 -15.51 15.42 -3.70
N PRO B 79 -15.21 14.14 -3.99
CA PRO B 79 -15.98 13.40 -5.01
C PRO B 79 -17.37 12.90 -4.60
N SER B 80 -17.81 13.12 -3.37
CA SER B 80 -19.16 12.76 -2.94
C SER B 80 -19.89 14.04 -2.58
N LYS B 81 -21.01 14.31 -3.24
CA LYS B 81 -21.67 15.61 -3.07
C LYS B 81 -23.16 15.49 -3.39
N PRO B 82 -24.01 16.32 -2.79
CA PRO B 82 -25.43 16.29 -3.14
C PRO B 82 -25.65 16.90 -4.52
N ALA B 83 -26.70 16.42 -5.17
CA ALA B 83 -27.09 16.95 -6.47
C ALA B 83 -27.66 18.36 -6.31
N LYS B 84 -27.47 19.17 -7.34
CA LYS B 84 -28.12 20.47 -7.43
C LYS B 84 -29.55 20.25 -7.91
N THR B 85 -30.53 20.80 -7.20
CA THR B 85 -31.92 20.62 -7.60
C THR B 85 -32.65 21.95 -7.42
N THR B 86 -33.89 22.00 -7.92
CA THR B 86 -34.75 23.15 -7.70
C THR B 86 -35.70 22.93 -6.53
N GLY B 87 -35.41 21.95 -5.66
CA GLY B 87 -36.36 21.57 -4.64
C GLY B 87 -36.60 22.60 -3.55
N PHE B 88 -35.69 23.57 -3.38
CA PHE B 88 -35.90 24.66 -2.44
C PHE B 88 -36.59 25.85 -3.10
N GLY B 89 -37.05 25.70 -4.33
CA GLY B 89 -37.74 26.77 -5.03
C GLY B 89 -36.86 27.83 -5.63
N THR B 90 -35.63 27.50 -6.02
CA THR B 90 -34.70 28.46 -6.58
C THR B 90 -34.93 28.62 -8.09
N THR B 91 -34.40 29.73 -8.63
CA THR B 91 -34.48 29.99 -10.08
C THR B 91 -33.53 29.08 -10.85
N GLU B 92 -32.44 28.66 -10.22
CA GLU B 92 -31.45 27.76 -10.81
C GLU B 92 -31.28 26.55 -9.89
N PRO B 93 -30.81 25.43 -10.42
CA PRO B 93 -30.46 24.30 -9.54
C PRO B 93 -29.46 24.75 -8.47
N ALA B 94 -29.66 24.27 -7.26
CA ALA B 94 -28.83 24.65 -6.13
C ALA B 94 -28.59 23.43 -5.25
N ALA B 95 -27.42 23.39 -4.61
CA ALA B 95 -27.09 22.29 -3.73
C ALA B 95 -27.08 22.77 -2.27
N PRO B 96 -27.50 21.92 -1.33
CA PRO B 96 -27.39 22.24 0.10
C PRO B 96 -26.00 21.88 0.61
N CYS B 97 -25.77 22.16 1.89
CA CYS B 97 -24.45 22.05 2.52
C CYS B 97 -24.55 21.26 3.82
N GLY B 98 -23.47 20.53 4.12
CA GLY B 98 -23.33 19.85 5.40
C GLY B 98 -23.76 18.39 5.35
N ASN B 99 -23.02 17.52 6.04
CA ASN B 99 -23.30 16.09 6.03
CA ASN B 99 -23.28 16.09 6.03
C ASN B 99 -23.65 15.50 7.39
N GLU B 100 -23.32 16.16 8.48
CA GLU B 100 -23.73 15.63 9.77
C GLU B 100 -24.45 16.68 10.59
N GLY B 101 -25.30 16.21 11.48
CA GLY B 101 -26.11 17.10 12.31
C GLY B 101 -27.06 16.29 13.19
N LEU B 102 -27.57 16.97 14.21
CA LEU B 102 -28.53 16.42 15.16
C LEU B 102 -29.86 17.17 15.00
N PHE B 103 -30.95 16.41 14.91
CA PHE B 103 -32.27 16.95 14.65
C PHE B 103 -33.26 16.43 15.68
N GLU B 104 -34.37 17.16 15.84
CA GLU B 104 -35.47 16.73 16.67
C GLU B 104 -36.70 16.51 15.80
N VAL B 105 -37.38 15.38 16.01
CA VAL B 105 -38.61 15.06 15.27
C VAL B 105 -39.75 15.95 15.74
N ILE B 106 -40.43 16.59 14.81
CA ILE B 106 -41.57 17.46 15.10
C ILE B 106 -42.90 16.77 14.84
N LYS B 107 -43.01 16.00 13.76
CA LYS B 107 -44.27 15.37 13.36
C LYS B 107 -43.99 14.20 12.42
N VAL B 108 -44.83 13.15 12.50
CA VAL B 108 -44.67 11.97 11.64
C VAL B 108 -46.00 11.64 10.97
N GLY B 109 -45.90 10.94 9.84
CA GLY B 109 -47.08 10.52 9.10
C GLY B 109 -47.74 9.28 9.67
N SER B 110 -48.86 8.91 9.06
CA SER B 110 -49.76 7.92 9.68
C SER B 110 -49.16 6.52 9.74
N ASN B 111 -48.15 6.20 8.93
CA ASN B 111 -47.59 4.86 8.92
C ASN B 111 -46.22 4.78 9.61
N VAL B 112 -45.77 5.85 10.26
CA VAL B 112 -44.45 5.88 10.89
C VAL B 112 -44.56 5.31 12.30
N SER B 113 -43.82 4.24 12.56
CA SER B 113 -43.76 3.68 13.90
C SER B 113 -42.37 3.70 14.52
N SER B 114 -41.32 3.90 13.73
CA SER B 114 -39.96 3.90 14.27
C SER B 114 -39.57 5.21 14.95
N LEU B 115 -40.28 6.30 14.70
CA LEU B 115 -39.99 7.60 15.27
C LEU B 115 -41.25 8.23 15.80
N GLU B 116 -41.12 9.09 16.81
CA GLU B 116 -42.24 9.88 17.31
C GLU B 116 -41.75 11.27 17.70
N ALA B 117 -42.70 12.20 17.82
CA ALA B 117 -42.37 13.57 18.19
C ALA B 117 -41.48 13.59 19.42
N GLY B 118 -40.41 14.39 19.37
CA GLY B 118 -39.46 14.51 20.48
C GLY B 118 -38.21 13.65 20.37
N ASP B 119 -38.22 12.64 19.50
CA ASP B 119 -37.04 11.81 19.30
C ASP B 119 -35.89 12.62 18.71
N TRP B 120 -34.67 12.23 19.07
CA TRP B 120 -33.45 12.71 18.46
C TRP B 120 -33.04 11.81 17.30
N VAL B 121 -32.60 12.42 16.18
CA VAL B 121 -32.16 11.66 15.03
C VAL B 121 -30.96 12.32 14.35
N ILE B 122 -30.21 11.49 13.62
CA ILE B 122 -29.18 11.93 12.68
C ILE B 122 -29.58 11.42 11.31
N PRO B 123 -29.01 11.99 10.24
CA PRO B 123 -29.28 11.44 8.92
C PRO B 123 -28.69 10.05 8.77
N SER B 124 -29.40 9.18 8.05
CA SER B 124 -28.87 7.85 7.83
C SER B 124 -27.84 7.82 6.71
N HIS B 125 -27.80 8.83 5.84
CA HIS B 125 -26.87 8.85 4.71
C HIS B 125 -26.21 10.23 4.60
N VAL B 126 -25.09 10.25 3.88
CA VAL B 126 -24.36 11.50 3.63
C VAL B 126 -25.10 12.29 2.58
N ASN B 127 -24.66 13.52 2.34
CA ASN B 127 -25.21 14.39 1.30
C ASN B 127 -26.65 14.82 1.57
N PHE B 128 -27.09 14.78 2.83
CA PHE B 128 -28.45 15.17 3.17
C PHE B 128 -28.65 16.68 3.17
N GLY B 129 -27.63 17.43 3.59
CA GLY B 129 -27.75 18.87 3.74
C GLY B 129 -28.23 19.20 5.15
N THR B 130 -27.28 19.53 6.04
CA THR B 130 -27.59 19.78 7.45
C THR B 130 -27.44 21.24 7.87
N TRP B 131 -26.99 22.13 6.98
CA TRP B 131 -26.88 23.55 7.31
C TRP B 131 -28.20 24.23 6.94
N ARG B 132 -29.18 24.07 7.82
CA ARG B 132 -30.54 24.56 7.63
C ARG B 132 -31.33 24.40 8.92
N THR B 133 -32.53 25.02 8.95
CA THR B 133 -33.32 25.04 10.17
C THR B 133 -34.26 23.85 10.33
N HIS B 134 -34.78 23.31 9.22
CA HIS B 134 -35.80 22.26 9.24
C HIS B 134 -35.58 21.35 8.04
N ALA B 135 -36.19 20.16 8.09
CA ALA B 135 -36.18 19.29 6.93
C ALA B 135 -37.41 18.40 6.92
N LEU B 136 -37.83 18.04 5.72
CA LEU B 136 -38.85 17.03 5.48
C LEU B 136 -38.20 15.82 4.82
N GLY B 137 -38.46 14.63 5.35
CA GLY B 137 -37.90 13.41 4.78
C GLY B 137 -38.76 12.19 5.07
N ASN B 138 -38.27 11.04 4.62
CA ASN B 138 -38.85 9.74 4.97
C ASN B 138 -38.22 9.22 6.26
N ASP B 139 -38.96 8.35 6.94
CA ASP B 139 -38.48 7.85 8.23
C ASP B 139 -37.15 7.12 8.09
N ASP B 140 -36.89 6.48 6.95
CA ASP B 140 -35.63 5.78 6.77
C ASP B 140 -34.50 6.70 6.30
N ASP B 141 -34.74 8.00 6.17
CA ASP B 141 -33.65 8.95 6.01
C ASP B 141 -32.98 9.31 7.35
N PHE B 142 -33.41 8.73 8.47
CA PHE B 142 -32.92 9.13 9.79
C PHE B 142 -32.59 7.91 10.62
N ILE B 143 -31.64 8.07 11.53
CA ILE B 143 -31.28 7.06 12.53
C ILE B 143 -31.55 7.64 13.90
N LYS B 144 -32.30 6.91 14.73
CA LYS B 144 -32.65 7.40 16.06
C LYS B 144 -31.46 7.25 17.03
N LEU B 145 -31.21 8.31 17.80
CA LEU B 145 -30.38 8.31 19.01
C LEU B 145 -31.27 8.51 20.24
N PRO B 146 -30.89 7.97 21.39
CA PRO B 146 -31.65 8.28 22.61
C PRO B 146 -31.45 9.73 23.04
N ASN B 147 -32.55 10.38 23.41
CA ASN B 147 -32.42 11.71 23.99
C ASN B 147 -32.18 11.59 25.49
N PRO B 148 -31.82 12.70 26.14
CA PRO B 148 -31.45 12.61 27.56
C PRO B 148 -32.54 12.06 28.47
N ALA B 149 -33.82 12.37 28.20
CA ALA B 149 -34.89 11.80 29.01
C ALA B 149 -34.95 10.28 28.85
N GLN B 150 -34.75 9.78 27.63
CA GLN B 150 -34.77 8.34 27.40
C GLN B 150 -33.56 7.65 28.04
N SER B 151 -32.35 8.24 27.93
CA SER B 151 -31.20 7.63 28.60
C SER B 151 -31.43 7.55 30.09
N LYS B 152 -32.04 8.59 30.67
CA LYS B 152 -32.26 8.62 32.11
C LYS B 152 -33.30 7.57 32.52
N ALA B 153 -34.35 7.42 31.72
CA ALA B 153 -35.35 6.41 32.04
C ALA B 153 -34.79 5.01 31.89
N ASN B 154 -33.76 4.82 31.08
CA ASN B 154 -33.12 3.51 30.96
C ASN B 154 -32.02 3.30 32.01
N GLY B 155 -31.95 4.17 33.02
CA GLY B 155 -31.01 4.01 34.12
C GLY B 155 -29.55 4.32 33.80
N LYS B 156 -29.26 5.01 32.69
CA LYS B 156 -27.89 5.34 32.35
C LYS B 156 -27.39 6.55 33.16
N PRO B 157 -26.10 6.58 33.53
CA PRO B 157 -25.60 7.70 34.35
C PRO B 157 -25.42 9.01 33.58
N ASN B 158 -25.45 8.99 32.25
CA ASN B 158 -25.34 10.20 31.45
C ASN B 158 -26.29 10.12 30.27
N GLY B 159 -26.66 11.28 29.76
CA GLY B 159 -27.30 11.39 28.46
C GLY B 159 -26.40 12.15 27.50
N LEU B 160 -26.66 12.03 26.21
CA LEU B 160 -25.87 12.72 25.20
C LEU B 160 -26.09 14.22 25.26
N THR B 161 -25.02 14.98 25.05
CA THR B 161 -25.14 16.41 24.80
C THR B 161 -25.41 16.67 23.31
N ILE B 162 -25.78 17.91 22.99
CA ILE B 162 -26.03 18.28 21.60
C ILE B 162 -24.75 18.16 20.78
N ASN B 163 -23.62 18.62 21.34
CA ASN B 163 -22.37 18.47 20.59
C ASN B 163 -22.05 17.00 20.34
N GLN B 164 -22.27 16.13 21.33
CA GLN B 164 -21.97 14.72 21.12
C GLN B 164 -22.84 14.11 20.03
N GLY B 165 -24.15 14.43 20.00
CA GLY B 165 -25.02 13.89 18.96
C GLY B 165 -24.74 14.46 17.57
N ALA B 166 -24.39 15.75 17.50
CA ALA B 166 -24.18 16.41 16.21
C ALA B 166 -22.88 16.00 15.53
N THR B 167 -21.89 15.49 16.28
CA THR B 167 -20.60 15.10 15.70
C THR B 167 -20.36 13.59 15.77
N ILE B 168 -21.40 12.79 16.05
CA ILE B 168 -21.20 11.38 16.33
C ILE B 168 -20.99 10.55 15.07
N SER B 169 -21.29 11.10 13.88
CA SER B 169 -21.38 10.27 12.69
C SER B 169 -20.10 10.22 11.87
N VAL B 170 -19.09 11.03 12.19
CA VAL B 170 -17.83 10.97 11.45
C VAL B 170 -16.67 10.57 12.38
N ASN B 171 -16.12 11.52 13.13
CA ASN B 171 -14.83 11.28 13.77
C ASN B 171 -14.80 10.08 14.73
N PRO B 172 -15.81 9.85 15.59
CA PRO B 172 -15.79 8.64 16.42
C PRO B 172 -15.82 7.34 15.62
N LEU B 173 -16.59 7.28 14.52
CA LEU B 173 -16.65 6.05 13.74
C LEU B 173 -15.35 5.81 12.97
N VAL B 174 -14.70 6.88 12.50
CA VAL B 174 -13.40 6.76 11.82
C VAL B 174 -12.40 6.06 12.73
N ALA B 175 -12.29 6.55 13.96
CA ALA B 175 -11.32 5.99 14.91
C ALA B 175 -11.65 4.54 15.24
N TYR B 176 -12.93 4.25 15.49
CA TYR B 176 -13.32 2.89 15.88
C TYR B 176 -13.05 1.88 14.77
N LEU B 177 -13.42 2.23 13.54
CA LEU B 177 -13.32 1.27 12.45
C LEU B 177 -11.87 1.03 12.02
N MET B 178 -11.03 2.07 12.02
CA MET B 178 -9.62 1.88 11.69
C MET B 178 -8.95 0.91 12.66
N LEU B 179 -9.35 0.95 13.93
CA LEU B 179 -8.73 0.12 14.95
C LEU B 179 -9.27 -1.31 15.01
N THR B 180 -10.46 -1.57 14.47
CA THR B 180 -11.08 -2.89 14.62
C THR B 180 -11.38 -3.62 13.32
N HIS B 181 -11.49 -2.93 12.19
CA HIS B 181 -11.99 -3.55 10.97
C HIS B 181 -10.90 -4.15 10.07
N TYR B 182 -9.61 -3.90 10.32
CA TYR B 182 -8.58 -4.25 9.33
C TYR B 182 -7.56 -5.26 9.83
N VAL B 183 -6.94 -5.05 10.98
CA VAL B 183 -6.02 -6.00 11.57
C VAL B 183 -6.45 -6.25 13.01
N LYS B 184 -6.30 -7.49 13.47
CA LYS B 184 -6.69 -7.88 14.82
C LYS B 184 -5.50 -7.73 15.76
N LEU B 185 -5.51 -6.71 16.62
CA LEU B 185 -4.52 -6.60 17.67
C LEU B 185 -4.90 -7.47 18.87
N THR B 186 -3.91 -8.16 19.42
CA THR B 186 -4.13 -9.01 20.59
C THR B 186 -4.24 -8.13 21.82
N PRO B 187 -5.35 -8.15 22.55
CA PRO B 187 -5.50 -7.26 23.72
C PRO B 187 -4.43 -7.54 24.76
N GLY B 188 -3.94 -6.48 25.40
CA GLY B 188 -2.90 -6.58 26.38
C GLY B 188 -1.48 -6.62 25.84
N LYS B 189 -1.29 -6.92 24.55
CA LYS B 189 0.03 -7.15 23.98
C LYS B 189 0.40 -6.21 22.84
N ASP B 190 -0.45 -6.12 21.81
CA ASP B 190 -0.06 -5.50 20.54
C ASP B 190 -0.24 -3.97 20.58
N TRP B 191 0.38 -3.30 19.60
CA TRP B 191 0.47 -1.85 19.55
C TRP B 191 -0.04 -1.28 18.22
N PHE B 192 -0.60 -0.07 18.30
CA PHE B 192 -0.71 0.79 17.13
C PHE B 192 0.04 2.09 17.36
N ILE B 193 0.36 2.77 16.27
CA ILE B 193 1.03 4.06 16.32
C ILE B 193 0.30 5.01 15.39
N GLN B 194 0.22 6.28 15.79
CA GLN B 194 -0.47 7.28 15.01
C GLN B 194 0.24 8.62 15.10
N ASN B 195 0.13 9.41 14.01
CA ASN B 195 0.50 10.81 14.03
C ASN B 195 -0.78 11.66 14.13
N GLY B 196 -0.61 12.98 14.14
CA GLY B 196 -1.71 13.88 14.50
C GLY B 196 -2.35 13.51 15.82
N GLY B 197 -1.53 13.25 16.84
CA GLY B 197 -2.03 12.73 18.09
C GLY B 197 -2.94 13.69 18.87
N THR B 198 -2.89 15.00 18.58
CA THR B 198 -3.82 15.91 19.28
C THR B 198 -5.07 16.24 18.44
N SER B 199 -5.25 15.62 17.27
CA SER B 199 -6.44 15.84 16.46
C SER B 199 -7.65 15.18 17.10
N ALA B 200 -8.84 15.55 16.61
CA ALA B 200 -10.07 14.96 17.14
C ALA B 200 -10.08 13.45 16.98
N VAL B 201 -9.75 12.96 15.78
CA VAL B 201 -9.72 11.51 15.57
C VAL B 201 -8.62 10.88 16.43
N GLY B 202 -7.45 11.51 16.49
CA GLY B 202 -6.39 10.97 17.32
C GLY B 202 -6.78 10.84 18.78
N LYS B 203 -7.53 11.80 19.32
CA LYS B 203 -7.94 11.69 20.70
C LYS B 203 -8.99 10.60 20.90
N TYR B 204 -9.88 10.41 19.93
CA TYR B 204 -10.82 9.29 20.02
C TYR B 204 -10.07 7.95 19.95
N ALA B 205 -9.04 7.84 19.10
CA ALA B 205 -8.33 6.57 18.99
C ALA B 205 -7.60 6.21 20.28
N SER B 206 -7.02 7.20 20.97
CA SER B 206 -6.38 6.91 22.25
C SER B 206 -7.40 6.35 23.25
N GLN B 207 -8.60 6.94 23.32
CA GLN B 207 -9.58 6.48 24.28
C GLN B 207 -10.11 5.10 23.92
N ILE B 208 -10.36 4.86 22.64
CA ILE B 208 -10.87 3.56 22.20
C ILE B 208 -9.80 2.50 22.34
N GLY B 209 -8.54 2.84 22.00
CA GLY B 209 -7.44 1.93 22.30
C GLY B 209 -7.43 1.49 23.75
N LYS B 210 -7.63 2.43 24.67
CA LYS B 210 -7.66 2.09 26.09
C LYS B 210 -8.82 1.17 26.42
N LEU B 211 -10.01 1.44 25.86
CA LEU B 211 -11.15 0.58 26.15
C LEU B 211 -10.96 -0.82 25.58
N LEU B 212 -10.27 -0.95 24.45
CA LEU B 212 -10.04 -2.26 23.85
C LEU B 212 -8.79 -2.92 24.39
N ASN B 213 -8.08 -2.26 25.30
CA ASN B 213 -6.84 -2.79 25.88
C ASN B 213 -5.76 -3.00 24.81
N PHE B 214 -5.62 -2.03 23.91
CA PHE B 214 -4.50 -1.96 22.99
C PHE B 214 -3.48 -0.94 23.50
N ASN B 215 -2.20 -1.26 23.35
CA ASN B 215 -1.15 -0.27 23.59
C ASN B 215 -0.99 0.65 22.39
N SER B 216 -0.53 1.86 22.64
CA SER B 216 -0.40 2.83 21.57
C SER B 216 0.70 3.84 21.83
N ILE B 217 1.26 4.32 20.72
CA ILE B 217 2.16 5.47 20.70
C ILE B 217 1.50 6.56 19.88
N SER B 218 1.42 7.76 20.45
CA SER B 218 0.97 8.95 19.76
C SER B 218 2.17 9.83 19.45
N VAL B 219 2.29 10.23 18.18
CA VAL B 219 3.28 11.19 17.71
C VAL B 219 2.58 12.54 17.54
N ILE B 220 3.18 13.60 18.12
CA ILE B 220 2.60 14.93 18.10
C ILE B 220 3.68 15.97 17.79
N ARG B 221 3.25 17.13 17.32
CA ARG B 221 4.15 18.26 17.19
C ARG B 221 4.58 18.78 18.56
N ASP B 222 5.83 19.26 18.64
CA ASP B 222 6.34 19.91 19.84
C ASP B 222 5.62 21.24 20.04
N ARG B 223 5.53 21.68 21.30
CA ARG B 223 4.75 22.86 21.67
C ARG B 223 5.19 23.33 23.05
N PRO B 224 4.84 24.57 23.43
CA PRO B 224 5.35 25.13 24.69
C PRO B 224 4.93 24.37 25.95
N ASN B 225 3.71 23.89 26.01
CA ASN B 225 3.22 23.23 27.22
C ASN B 225 3.25 21.71 27.07
N LEU B 226 4.39 21.20 26.63
CA LEU B 226 4.46 19.81 26.18
C LEU B 226 4.13 18.83 27.30
N ASP B 227 4.69 19.05 28.50
CA ASP B 227 4.48 18.12 29.59
C ASP B 227 3.00 18.01 29.96
N GLU B 228 2.26 19.13 29.86
CA GLU B 228 0.83 19.11 30.16
C GLU B 228 0.05 18.38 29.08
N VAL B 229 0.44 18.55 27.81
CA VAL B 229 -0.25 17.85 26.72
C VAL B 229 0.02 16.35 26.80
N VAL B 230 1.27 15.97 27.10
CA VAL B 230 1.60 14.55 27.23
C VAL B 230 0.79 13.89 28.34
N ALA B 231 0.76 14.52 29.53
CA ALA B 231 -0.03 13.97 30.63
C ALA B 231 -1.50 13.84 30.24
N SER B 232 -2.03 14.83 29.53
CA SER B 232 -3.43 14.81 29.15
C SER B 232 -3.73 13.68 28.16
N LEU B 233 -2.84 13.44 27.18
CA LEU B 233 -3.06 12.37 26.22
C LEU B 233 -2.89 10.99 26.87
N LYS B 234 -1.96 10.85 27.82
CA LYS B 234 -1.84 9.59 28.55
C LYS B 234 -3.09 9.31 29.39
N GLU B 235 -3.68 10.35 29.98
CA GLU B 235 -4.93 10.17 30.71
C GLU B 235 -6.07 9.74 29.79
N LEU B 236 -6.08 10.19 28.54
CA LEU B 236 -7.07 9.71 27.58
C LEU B 236 -6.87 8.25 27.22
N GLY B 237 -5.62 7.79 27.16
CA GLY B 237 -5.36 6.38 26.94
C GLY B 237 -4.13 6.03 26.12
N ALA B 238 -3.37 7.03 25.70
CA ALA B 238 -2.13 6.75 24.98
C ALA B 238 -1.10 6.16 25.95
N THR B 239 -0.43 5.09 25.53
CA THR B 239 0.57 4.46 26.40
C THR B 239 1.84 5.27 26.45
N GLN B 240 2.31 5.76 25.30
CA GLN B 240 3.48 6.62 25.23
C GLN B 240 3.20 7.75 24.25
N VAL B 241 3.89 8.87 24.44
CA VAL B 241 3.73 10.04 23.57
C VAL B 241 5.11 10.58 23.19
N ILE B 242 5.35 10.78 21.89
CA ILE B 242 6.62 11.31 21.43
C ILE B 242 6.36 12.46 20.48
N THR B 243 7.36 13.31 20.32
CA THR B 243 7.29 14.41 19.35
C THR B 243 7.76 13.96 17.97
N GLU B 244 7.41 14.78 16.95
CA GLU B 244 7.91 14.51 15.61
C GLU B 244 9.43 14.52 15.54
N ASP B 245 10.10 15.39 16.32
CA ASP B 245 11.55 15.38 16.32
C ASP B 245 12.11 14.05 16.82
N GLN B 246 11.48 13.49 17.86
CA GLN B 246 11.92 12.20 18.38
C GLN B 246 11.56 11.05 17.41
N ASN B 247 10.42 11.15 16.73
CA ASN B 247 10.04 10.20 15.69
C ASN B 247 11.09 10.14 14.58
N ASN B 248 11.72 11.27 14.26
CA ASN B 248 12.73 11.32 13.21
C ASN B 248 14.13 10.97 13.69
N SER B 249 14.37 10.91 15.00
CA SER B 249 15.71 10.71 15.55
C SER B 249 16.00 9.23 15.69
N ARG B 250 17.03 8.74 14.99
CA ARG B 250 17.35 7.33 15.14
C ARG B 250 18.05 7.04 16.46
N GLU B 251 18.69 8.05 17.05
CA GLU B 251 19.25 7.89 18.39
C GLU B 251 18.15 7.57 19.40
N PHE B 252 16.97 8.18 19.23
CA PHE B 252 15.83 7.90 20.09
C PHE B 252 15.18 6.55 19.77
N GLY B 253 15.48 5.98 18.61
CA GLY B 253 14.78 4.82 18.09
C GLY B 253 14.91 3.51 18.85
N PRO B 254 16.00 3.33 19.63
CA PRO B 254 16.12 2.07 20.39
C PRO B 254 15.16 2.01 21.56
N THR B 255 14.81 3.15 22.14
CA THR B 255 13.83 3.18 23.23
C THR B 255 12.50 2.58 22.81
N ILE B 256 12.06 2.88 21.59
CA ILE B 256 10.73 2.43 21.16
C ILE B 256 10.70 0.92 20.98
N LYS B 257 11.76 0.33 20.43
CA LYS B 257 11.84 -1.11 20.27
C LYS B 257 11.75 -1.83 21.62
N GLU B 258 12.31 -1.24 22.67
CA GLU B 258 12.30 -1.88 23.98
C GLU B 258 10.92 -1.77 24.64
N TRP B 259 10.20 -0.66 24.45
CA TRP B 259 8.81 -0.60 24.86
C TRP B 259 8.05 -1.81 24.32
N ILE B 260 8.16 -2.03 23.02
CA ILE B 260 7.40 -3.12 22.40
C ILE B 260 7.92 -4.46 22.90
N LYS B 261 9.25 -4.58 23.05
CA LYS B 261 9.80 -5.84 23.54
C LYS B 261 9.27 -6.17 24.93
N GLN B 262 9.21 -5.19 25.83
CA GLN B 262 8.80 -5.44 27.20
C GLN B 262 7.35 -5.91 27.29
N SER B 263 6.50 -5.50 26.35
CA SER B 263 5.08 -5.86 26.41
C SER B 263 4.78 -7.26 25.90
N GLY B 264 5.75 -7.90 25.22
CA GLY B 264 5.50 -9.19 24.62
C GLY B 264 4.61 -9.19 23.39
N GLY B 265 4.34 -8.02 22.79
CA GLY B 265 3.50 -7.92 21.61
C GLY B 265 4.24 -7.33 20.43
N GLU B 266 3.51 -6.82 19.43
CA GLU B 266 4.13 -6.26 18.23
C GLU B 266 3.37 -5.01 17.78
N ALA B 267 4.09 -4.13 17.10
CA ALA B 267 3.49 -2.96 16.47
C ALA B 267 2.98 -3.37 15.09
N LYS B 268 1.66 -3.43 14.93
CA LYS B 268 1.02 -4.03 13.76
C LYS B 268 0.30 -3.04 12.84
N LEU B 269 -0.03 -1.85 13.33
CA LEU B 269 -0.90 -0.91 12.63
C LEU B 269 -0.41 0.51 12.83
N ALA B 270 -0.33 1.26 11.73
CA ALA B 270 0.01 2.68 11.77
C ALA B 270 -1.13 3.49 11.14
N LEU B 271 -1.51 4.59 11.80
CA LEU B 271 -2.55 5.50 11.34
C LEU B 271 -1.91 6.82 10.97
N ASN B 272 -2.08 7.21 9.69
CA ASN B 272 -1.42 8.37 9.11
C ASN B 272 -2.46 9.39 8.67
N CYS B 273 -2.34 10.62 9.19
CA CYS B 273 -3.14 11.74 8.68
C CYS B 273 -2.26 12.94 8.31
N VAL B 274 -0.93 12.75 8.19
CA VAL B 274 0.00 13.85 7.98
C VAL B 274 0.72 13.74 6.64
N GLY B 275 1.27 12.57 6.33
CA GLY B 275 2.10 12.41 5.16
C GLY B 275 3.56 12.79 5.40
N GLY B 276 4.33 12.78 4.30
CA GLY B 276 5.71 13.20 4.31
C GLY B 276 6.59 12.46 5.31
N LYS B 277 7.54 13.20 5.90
CA LYS B 277 8.51 12.58 6.80
C LYS B 277 7.84 11.92 7.98
N SER B 278 6.72 12.48 8.45
CA SER B 278 6.02 11.86 9.56
C SER B 278 5.51 10.47 9.16
N SER B 279 4.99 10.30 7.96
CA SER B 279 4.51 8.98 7.56
C SER B 279 5.67 7.98 7.47
N THR B 280 6.83 8.43 6.98
CA THR B 280 8.02 7.59 6.98
C THR B 280 8.38 7.14 8.38
N GLY B 281 8.36 8.06 9.33
CA GLY B 281 8.81 7.75 10.69
C GLY B 281 7.93 6.75 11.40
N ILE B 282 6.61 6.85 11.27
CA ILE B 282 5.78 5.86 11.97
C ILE B 282 5.80 4.52 11.24
N ALA B 283 6.01 4.51 9.93
CA ALA B 283 6.08 3.25 9.18
C ALA B 283 7.29 2.43 9.60
N ARG B 284 8.42 3.11 9.84
CA ARG B 284 9.64 2.43 10.24
CA ARG B 284 9.64 2.42 10.23
C ARG B 284 9.51 1.74 11.58
N LYS B 285 8.51 2.08 12.39
CA LYS B 285 8.45 1.51 13.72
C LYS B 285 7.55 0.28 13.83
N LEU B 286 6.89 -0.12 12.75
CA LEU B 286 6.12 -1.35 12.75
C LEU B 286 7.03 -2.56 12.68
N ASN B 287 6.58 -3.66 13.28
CA ASN B 287 7.20 -4.96 13.08
C ASN B 287 6.93 -5.46 11.66
N ASN B 288 7.52 -6.59 11.28
CA ASN B 288 7.26 -7.18 9.97
C ASN B 288 5.76 -7.41 9.79
N ASN B 289 5.29 -7.33 8.53
CA ASN B 289 3.89 -7.56 8.17
C ASN B 289 2.95 -6.46 8.69
N GLY B 290 3.44 -5.23 8.79
CA GLY B 290 2.62 -4.15 9.29
C GLY B 290 1.72 -3.54 8.21
N LEU B 291 0.67 -2.86 8.68
CA LEU B 291 -0.29 -2.17 7.83
C LEU B 291 -0.37 -0.71 8.25
N MET B 292 -0.29 0.20 7.27
CA MET B 292 -0.57 1.61 7.46
C MET B 292 -1.87 1.97 6.76
N LEU B 293 -2.72 2.72 7.45
CA LEU B 293 -3.94 3.31 6.90
C LEU B 293 -3.78 4.82 6.88
N THR B 294 -3.95 5.40 5.68
CA THR B 294 -3.95 6.85 5.49
C THR B 294 -5.39 7.34 5.40
N TYR B 295 -5.77 8.25 6.31
CA TYR B 295 -7.13 8.79 6.35
C TYR B 295 -7.17 10.30 6.25
N GLY B 296 -6.01 10.98 6.20
CA GLY B 296 -5.93 12.42 6.01
C GLY B 296 -4.56 12.81 5.49
N GLY B 297 -4.40 14.09 5.17
CA GLY B 297 -3.11 14.55 4.67
C GLY B 297 -2.91 16.04 4.87
N MET B 298 -1.67 16.45 4.68
CA MET B 298 -1.26 17.85 4.74
C MET B 298 -0.97 18.35 3.33
N SER B 299 -1.69 19.41 2.93
CA SER B 299 -1.58 20.06 1.63
C SER B 299 -0.69 19.36 0.62
N PHE B 300 0.63 19.48 0.76
CA PHE B 300 1.57 19.05 -0.27
C PHE B 300 2.43 17.86 0.16
N GLN B 301 2.02 17.10 1.18
CA GLN B 301 2.87 16.04 1.68
C GLN B 301 2.36 14.69 1.19
N PRO B 302 2.93 14.09 0.14
CA PRO B 302 2.52 12.73 -0.22
C PRO B 302 3.03 11.71 0.80
N VAL B 303 2.41 10.54 0.79
CA VAL B 303 2.86 9.44 1.64
C VAL B 303 4.19 8.92 1.10
N THR B 304 5.19 8.80 1.97
CA THR B 304 6.58 8.54 1.55
C THR B 304 7.11 7.36 2.35
N ILE B 305 7.34 6.23 1.69
CA ILE B 305 7.69 4.97 2.37
C ILE B 305 8.97 4.44 1.76
N PRO B 306 9.98 4.09 2.56
CA PRO B 306 11.21 3.51 1.98
C PRO B 306 10.92 2.20 1.28
N THR B 307 11.54 2.04 0.10
CA THR B 307 11.41 0.82 -0.70
C THR B 307 11.64 -0.44 0.13
N SER B 308 12.59 -0.39 1.06
CA SER B 308 13.00 -1.59 1.80
C SER B 308 11.92 -2.12 2.74
N LEU B 309 11.01 -1.27 3.24
CA LEU B 309 9.94 -1.78 4.10
C LEU B 309 8.98 -2.66 3.30
N TYR B 310 8.68 -2.25 2.07
CA TYR B 310 7.81 -3.06 1.21
C TYR B 310 8.44 -4.41 0.88
N ILE B 311 9.70 -4.42 0.46
CA ILE B 311 10.30 -5.65 -0.05
C ILE B 311 10.69 -6.59 1.09
N PHE B 312 11.40 -6.08 2.09
CA PHE B 312 12.02 -6.95 3.09
C PHE B 312 11.21 -7.09 4.37
N LYS B 313 10.26 -6.20 4.66
CA LYS B 313 9.47 -6.29 5.87
C LYS B 313 7.98 -6.54 5.60
N ASN B 314 7.62 -6.83 4.35
CA ASN B 314 6.24 -7.14 3.99
C ASN B 314 5.26 -6.09 4.51
N PHE B 315 5.60 -4.82 4.27
CA PHE B 315 4.77 -3.67 4.64
C PHE B 315 3.68 -3.44 3.59
N THR B 316 2.48 -3.04 4.04
CA THR B 316 1.36 -2.67 3.18
C THR B 316 0.79 -1.31 3.59
N SER B 317 0.56 -0.45 2.60
CA SER B 317 -0.02 0.87 2.83
C SER B 317 -1.34 0.97 2.04
N ALA B 318 -2.40 1.38 2.74
CA ALA B 318 -3.75 1.45 2.18
C ALA B 318 -4.45 2.72 2.67
N GLY B 319 -5.67 2.94 2.18
CA GLY B 319 -6.43 4.13 2.50
C GLY B 319 -7.65 3.81 3.35
N PHE B 320 -8.22 4.88 3.93
CA PHE B 320 -9.44 4.77 4.72
C PHE B 320 -10.34 5.95 4.41
N TRP B 321 -11.61 5.67 4.09
CA TRP B 321 -12.60 6.72 3.84
C TRP B 321 -13.95 6.23 4.34
N VAL B 322 -14.41 6.77 5.47
CA VAL B 322 -15.59 6.22 6.13
C VAL B 322 -16.82 6.34 5.23
N THR B 323 -16.89 7.39 4.42
CA THR B 323 -18.02 7.56 3.52
C THR B 323 -18.16 6.40 2.55
N GLU B 324 -17.05 5.95 1.97
CA GLU B 324 -17.09 4.84 1.02
C GLU B 324 -17.31 3.50 1.74
N LEU B 325 -16.64 3.27 2.86
CA LEU B 325 -16.77 1.98 3.58
C LEU B 325 -18.21 1.70 4.02
N LEU B 326 -18.91 2.72 4.52
CA LEU B 326 -20.25 2.52 5.05
C LEU B 326 -21.35 2.75 4.01
N LYS B 327 -20.98 3.02 2.75
CA LYS B 327 -21.96 3.39 1.73
C LYS B 327 -23.08 2.37 1.62
N ASN B 328 -22.72 1.10 1.46
CA ASN B 328 -23.69 0.02 1.29
C ASN B 328 -23.55 -1.01 2.42
N ASN B 329 -23.31 -0.54 3.67
CA ASN B 329 -23.11 -1.45 4.80
C ASN B 329 -23.76 -0.87 6.05
N LYS B 330 -25.09 -0.94 6.09
CA LYS B 330 -25.83 -0.32 7.18
C LYS B 330 -25.70 -1.10 8.48
N GLU B 331 -25.51 -2.41 8.38
CA GLU B 331 -25.30 -3.24 9.58
C GLU B 331 -24.02 -2.81 10.32
N LEU B 332 -22.94 -2.58 9.57
CA LEU B 332 -21.69 -2.16 10.21
C LEU B 332 -21.82 -0.76 10.79
N LYS B 333 -22.48 0.14 10.06
CA LYS B 333 -22.67 1.50 10.56
C LYS B 333 -23.49 1.49 11.84
N THR B 334 -24.56 0.70 11.86
CA THR B 334 -25.49 0.62 13.01
C THR B 334 -24.82 0.07 14.25
N SER B 335 -24.11 -1.05 14.11
CA SER B 335 -23.47 -1.64 15.29
C SER B 335 -22.33 -0.76 15.81
N THR B 336 -21.64 -0.03 14.93
CA THR B 336 -20.58 0.87 15.42
C THR B 336 -21.18 2.07 16.15
N LEU B 337 -22.23 2.65 15.58
CA LEU B 337 -22.90 3.78 16.21
C LEU B 337 -23.48 3.41 17.56
N ASN B 338 -24.08 2.23 17.67
CA ASN B 338 -24.66 1.81 18.94
C ASN B 338 -23.60 1.75 20.04
N GLN B 339 -22.39 1.31 19.70
CA GLN B 339 -21.33 1.22 20.69
C GLN B 339 -20.84 2.61 21.10
N ILE B 340 -20.70 3.55 20.16
CA ILE B 340 -20.30 4.90 20.53
C ILE B 340 -21.35 5.55 21.45
N ILE B 341 -22.63 5.35 21.13
CA ILE B 341 -23.71 5.89 21.95
C ILE B 341 -23.64 5.34 23.37
N ALA B 342 -23.48 4.02 23.50
CA ALA B 342 -23.43 3.39 24.81
C ALA B 342 -22.25 3.93 25.63
N TRP B 343 -21.12 4.19 24.97
CA TRP B 343 -19.93 4.66 25.68
C TRP B 343 -20.10 6.09 26.18
N TYR B 344 -20.75 6.95 25.39
CA TYR B 344 -21.08 8.28 25.91
C TYR B 344 -22.03 8.16 27.11
N GLU B 345 -23.07 7.33 27.00
CA GLU B 345 -24.03 7.18 28.10
C GLU B 345 -23.36 6.63 29.35
N GLU B 346 -22.42 5.72 29.18
CA GLU B 346 -21.77 5.09 30.32
C GLU B 346 -20.56 5.88 30.84
N GLY B 347 -20.28 7.05 30.25
CA GLY B 347 -19.17 7.87 30.72
C GLY B 347 -17.79 7.42 30.30
N LYS B 348 -17.68 6.58 29.29
CA LYS B 348 -16.39 5.99 28.91
C LYS B 348 -15.69 6.73 27.80
N LEU B 349 -16.36 7.69 27.17
CA LEU B 349 -15.85 8.41 26.02
C LEU B 349 -16.12 9.89 26.22
N THR B 350 -15.18 10.74 25.87
CA THR B 350 -15.39 12.18 25.94
C THR B 350 -15.06 12.84 24.60
N ASP B 351 -15.83 13.86 24.26
CA ASP B 351 -15.64 14.65 23.04
C ASP B 351 -14.81 15.88 23.34
N ALA B 352 -14.13 16.39 22.31
CA ALA B 352 -13.58 17.73 22.38
C ALA B 352 -14.69 18.75 22.30
N LYS B 353 -14.56 19.84 23.07
CA LYS B 353 -15.62 20.84 23.11
C LYS B 353 -15.54 21.73 21.89
N SER B 354 -16.71 22.08 21.35
CA SER B 354 -16.83 22.96 20.20
C SER B 354 -17.12 24.39 20.65
N ILE B 355 -16.82 25.33 19.75
CA ILE B 355 -17.27 26.71 19.86
C ILE B 355 -18.65 26.79 19.21
N GLU B 356 -19.67 27.15 20.00
CA GLU B 356 -21.06 27.11 19.56
C GLU B 356 -21.55 28.53 19.25
N THR B 357 -22.20 28.69 18.11
CA THR B 357 -22.79 29.96 17.68
C THR B 357 -24.27 29.72 17.43
N LEU B 358 -25.11 30.47 18.13
CA LEU B 358 -26.56 30.29 18.09
C LEU B 358 -27.20 31.14 16.99
N TYR B 359 -28.09 30.52 16.21
CA TYR B 359 -28.88 31.22 15.21
C TYR B 359 -30.18 31.73 15.84
N ASP B 360 -30.33 33.06 15.90
CA ASP B 360 -31.56 33.65 16.43
C ASP B 360 -32.32 34.46 15.40
N GLY B 361 -31.85 34.51 14.15
CA GLY B 361 -32.58 35.17 13.09
C GLY B 361 -32.20 36.60 12.79
N THR B 362 -31.25 37.18 13.54
CA THR B 362 -30.81 38.55 13.28
C THR B 362 -29.74 38.64 12.22
N LYS B 363 -29.04 37.54 11.95
CA LYS B 363 -27.95 37.46 11.00
C LYS B 363 -28.23 36.30 10.05
N PRO B 364 -28.07 36.48 8.73
CA PRO B 364 -28.42 35.39 7.81
C PRO B 364 -27.61 34.12 8.09
N LEU B 365 -28.26 32.97 7.89
CA LEU B 365 -27.70 31.71 8.35
C LEU B 365 -26.38 31.39 7.64
N HIS B 366 -26.28 31.69 6.35
CA HIS B 366 -25.06 31.35 5.62
C HIS B 366 -23.86 32.13 6.16
N GLU B 367 -24.09 33.28 6.78
CA GLU B 367 -23.00 34.07 7.35
C GLU B 367 -22.47 33.45 8.65
N LEU B 368 -23.34 32.82 9.45
CA LEU B 368 -22.83 32.07 10.60
C LEU B 368 -21.91 30.96 10.13
N TYR B 369 -22.27 30.26 9.06
CA TYR B 369 -21.41 29.18 8.58
C TYR B 369 -20.15 29.71 7.90
N GLN B 370 -20.23 30.85 7.21
CA GLN B 370 -19.05 31.49 6.65
C GLN B 370 -18.06 31.90 7.75
N ASP B 371 -18.57 32.40 8.88
CA ASP B 371 -17.69 32.67 10.02
C ASP B 371 -17.10 31.39 10.58
N GLY B 372 -17.90 30.32 10.65
CA GLY B 372 -17.38 29.04 11.12
C GLY B 372 -16.25 28.50 10.26
N VAL B 373 -16.36 28.67 8.94
CA VAL B 373 -15.27 28.27 8.05
C VAL B 373 -14.02 29.08 8.34
N ALA B 374 -14.16 30.40 8.42
CA ALA B 374 -13.02 31.27 8.63
C ALA B 374 -12.33 31.05 9.98
N ASN B 375 -13.06 30.65 11.01
CA ASN B 375 -12.51 30.51 12.35
C ASN B 375 -12.19 29.05 12.74
N SER B 376 -12.19 28.12 11.78
CA SER B 376 -12.04 26.71 12.14
C SER B 376 -10.68 26.42 12.78
N LYS B 377 -9.69 27.29 12.60
CA LYS B 377 -8.41 27.05 13.26
C LYS B 377 -8.44 27.39 14.75
N ASP B 378 -9.50 28.04 15.23
CA ASP B 378 -9.69 28.25 16.67
C ASP B 378 -10.22 27.01 17.37
N GLY B 379 -10.76 26.05 16.62
CA GLY B 379 -11.41 24.87 17.16
C GLY B 379 -12.67 24.51 16.40
N LYS B 380 -13.23 23.33 16.70
CA LYS B 380 -14.42 22.84 16.00
C LYS B 380 -15.58 23.83 16.17
N GLN B 381 -16.22 24.17 15.06
CA GLN B 381 -17.29 25.16 15.05
C GLN B 381 -18.63 24.45 14.90
N LEU B 382 -19.54 24.70 15.85
CA LEU B 382 -20.88 24.13 15.82
C LEU B 382 -21.89 25.25 15.77
N ILE B 383 -22.78 25.23 14.79
CA ILE B 383 -23.91 26.14 14.74
C ILE B 383 -25.10 25.45 15.41
N THR B 384 -25.68 26.13 16.40
CA THR B 384 -26.81 25.60 17.16
C THR B 384 -28.05 26.45 16.90
N TYR B 385 -29.21 25.88 17.23
CA TYR B 385 -30.50 26.43 16.89
C TYR B 385 -31.44 26.49 18.09
C1 GOL C . 19.69 -7.71 -27.34
O1 GOL C . 18.99 -8.87 -27.74
C2 GOL C . 19.17 -7.25 -25.98
O2 GOL C . 19.92 -6.13 -25.56
C3 GOL C . 17.68 -6.89 -26.08
O3 GOL C . 16.93 -7.66 -25.17
S SO4 D . -3.64 15.39 -5.89
O1 SO4 D . -4.36 16.64 -6.24
O2 SO4 D . -3.66 15.22 -4.43
O3 SO4 D . -2.23 15.48 -6.35
O4 SO4 D . -4.32 14.26 -6.55
S SO4 E . 2.38 15.05 -8.70
O1 SO4 E . 1.89 16.42 -9.04
O2 SO4 E . 1.82 14.65 -7.39
O3 SO4 E . 3.86 15.04 -8.62
O4 SO4 E . 1.92 14.11 -9.74
S SO4 F . 17.63 -38.97 -20.82
O1 SO4 F . 18.75 -38.01 -20.78
O2 SO4 F . 16.47 -38.37 -21.53
O3 SO4 F . 18.06 -40.19 -21.52
O4 SO4 F . 17.23 -39.32 -19.44
PA NAP G . 18.52 -4.97 -15.06
O1A NAP G . 17.92 -5.76 -16.19
O2A NAP G . 20.01 -4.91 -15.14
O5B NAP G . 17.93 -3.49 -15.20
C5B NAP G . 17.92 -2.55 -14.13
C4B NAP G . 16.83 -1.52 -14.43
O4B NAP G . 16.91 -0.40 -13.54
C3B NAP G . 16.91 -0.93 -15.83
O3B NAP G . 15.60 -0.83 -16.39
C2B NAP G . 17.43 0.48 -15.67
O2B NAP G . 16.93 1.30 -16.71
C1B NAP G . 16.85 0.81 -14.31
N9A NAP G . 17.57 1.88 -13.60
C8A NAP G . 18.85 1.85 -13.17
N7A NAP G . 19.17 3.01 -12.54
C5A NAP G . 18.08 3.78 -12.55
C6A NAP G . 17.72 5.14 -12.06
N6A NAP G . 18.65 5.90 -11.41
N1A NAP G . 16.46 5.56 -12.28
C2A NAP G . 15.55 4.82 -12.93
N3A NAP G . 15.80 3.60 -13.40
C4A NAP G . 17.02 3.04 -13.25
O3 NAP G . 18.20 -5.58 -13.62
PN NAP G . 17.19 -6.76 -13.27
O1N NAP G . 17.96 -8.06 -13.22
O2N NAP G . 15.99 -6.74 -14.20
O5D NAP G . 16.61 -6.40 -11.81
C5D NAP G . 15.74 -5.28 -11.82
C4D NAP G . 15.21 -4.89 -10.45
O4D NAP G . 14.42 -5.97 -9.93
C3D NAP G . 16.31 -4.62 -9.44
O3D NAP G . 16.00 -3.43 -8.70
C2D NAP G . 16.32 -5.84 -8.55
O2D NAP G . 16.75 -5.55 -7.21
C1D NAP G . 14.86 -6.27 -8.62
N1N NAP G . 14.64 -7.68 -8.30
C2N NAP G . 13.74 -7.92 -7.37
C3N NAP G . 13.42 -9.18 -6.93
C7N NAP G . 12.37 -9.33 -5.87
O7N NAP G . 11.87 -10.44 -5.80
N7N NAP G . 11.99 -8.29 -5.07
C4N NAP G . 14.05 -10.28 -7.47
C5N NAP G . 15.01 -10.07 -8.47
C6N NAP G . 15.38 -8.76 -8.95
P2B NAP G . 17.80 1.91 -17.94
O1X NAP G . 17.00 3.13 -18.36
O2X NAP G . 19.18 2.27 -17.44
O3X NAP G . 17.93 0.93 -19.09
S SO4 H . 14.53 2.48 -18.07
O1 SO4 H . 14.28 3.00 -19.41
O2 SO4 H . 13.60 3.09 -17.10
O3 SO4 H . 14.27 1.01 -18.12
O4 SO4 H . 15.94 2.79 -17.74
S SO4 I . 17.61 -20.15 -6.70
O1 SO4 I . 17.62 -18.67 -6.72
O2 SO4 I . 16.38 -20.68 -7.34
O3 SO4 I . 17.64 -20.62 -5.30
O4 SO4 I . 18.80 -20.64 -7.44
S SO4 J . 15.21 -20.74 -0.34
O1 SO4 J . 15.07 -20.17 -1.71
O2 SO4 J . 14.77 -19.76 0.67
O3 SO4 J . 16.62 -21.08 -0.10
O4 SO4 J . 14.38 -21.97 -0.23
S SO4 K . -0.98 11.95 -14.81
O1 SO4 K . -1.08 12.74 -16.05
O2 SO4 K . -2.03 12.41 -13.87
O3 SO4 K . -1.16 10.51 -15.12
O4 SO4 K . 0.38 12.18 -14.22
S SO4 L . -11.80 5.77 -12.35
O1 SO4 L . -12.57 6.00 -13.59
O2 SO4 L . -12.39 6.61 -11.27
O3 SO4 L . -11.83 4.34 -11.98
O4 SO4 L . -10.39 6.20 -12.55
S SO4 M . 32.86 -7.93 8.36
O1 SO4 M . 33.47 -8.14 7.04
O2 SO4 M . 32.09 -6.66 8.36
O3 SO4 M . 33.93 -7.87 9.39
O4 SO4 M . 31.95 -9.06 8.68
NA NA N . -3.26 14.20 -2.49
C1 GOL O . -12.53 3.24 2.07
O1 GOL O . -12.29 2.73 3.36
C2 GOL O . -11.73 2.49 1.02
O2 GOL O . -12.28 2.73 -0.26
C3 GOL O . -10.29 2.96 1.07
O3 GOL O . -10.20 4.30 0.68
C1 GOL P . 14.61 -17.89 -4.45
O1 GOL P . 15.23 -16.72 -4.94
C2 GOL P . 13.31 -18.16 -5.21
O2 GOL P . 12.84 -19.45 -4.88
C3 GOL P . 13.51 -18.06 -6.72
O3 GOL P . 13.89 -19.33 -7.22
C1 GOL Q . 6.23 -9.24 0.16
O1 GOL Q . 7.00 -8.18 0.67
C2 GOL Q . 6.91 -10.56 0.51
O2 GOL Q . 6.62 -10.85 1.86
C3 GOL Q . 6.38 -11.67 -0.39
O3 GOL Q . 6.34 -11.23 -1.74
C1 GOL R . -31.15 30.65 -7.79
O1 GOL R . -30.26 31.42 -8.56
C2 GOL R . -31.71 31.45 -6.63
O2 GOL R . -33.12 31.43 -6.70
C3 GOL R . -31.24 32.89 -6.71
O3 GOL R . -31.84 33.62 -5.67
S SO4 S . -0.35 17.19 16.24
O1 SO4 S . 0.33 17.98 17.29
O2 SO4 S . -0.65 18.09 15.09
O3 SO4 S . 0.56 16.11 15.80
O4 SO4 S . -1.60 16.60 16.74
S SO4 T . -19.94 24.26 -10.97
O1 SO4 T . -20.34 24.27 -9.55
O2 SO4 T . -20.49 25.47 -11.63
O3 SO4 T . -20.48 23.03 -11.60
O4 SO4 T . -18.47 24.26 -11.08
S SO4 U . 16.37 2.09 4.20
O1 SO4 U . 15.93 3.47 4.54
O2 SO4 U . 16.31 1.92 2.73
O3 SO4 U . 15.49 1.10 4.85
O4 SO4 U . 17.76 1.87 4.67
S SO4 V . -11.53 17.68 12.27
O1 SO4 V . -11.30 19.03 11.71
O2 SO4 V . -12.99 17.35 12.28
O3 SO4 V . -10.82 16.66 11.47
O4 SO4 V . -11.02 17.71 13.66
NA NA W . -8.85 17.96 14.50
NA NA X . 14.95 1.79 0.94
C1 GOL Y . -12.88 -3.04 3.22
O1 GOL Y . -12.93 -1.86 2.44
C2 GOL Y . -14.11 -3.91 2.94
O2 GOL Y . -13.71 -5.17 2.43
C3 GOL Y . -14.95 -4.11 4.21
O3 GOL Y . -16.31 -4.29 3.90
#